data_2F1M
#
_entry.id   2F1M
#
_cell.length_a   88.788
_cell.length_b   100.031
_cell.length_c   332.586
_cell.angle_alpha   90.00
_cell.angle_beta   90.00
_cell.angle_gamma   90.00
#
_symmetry.space_group_name_H-M   'C 2 2 21'
#
loop_
_entity.id
_entity.type
_entity.pdbx_description
1 polymer 'Acriflavine resistance protein A'
2 water water
#
_entity_poly.entity_id   1
_entity_poly.type   'polypeptide(L)'
_entity_poly.pdbx_seq_one_letter_code
;(MSE)VKTEPLQITTELPGRTSAYRIAEVRPQVSGIILKRNFKEGSDIEAGVSLYQIDPATYQATYDSAKGDLAKAQAAA
NIAQLTVNRYQKLLGTQYISKQEYDQALADAQQANAAVTAAKAAVETARINLAYTKVTSPISGRIGKSNVTEGALVQNGQ
ATALATVQQLDPIYVDVTQSSND(MSE)(MSE)RLKQELANGTLKQENGKAKVSLITSDGIKFPQDGTLEFSDVTVDQTT
GSITLRAIFPNPDHT(MSE)(MSE)PG(MSE)FVRARLEEGLNPNAILVPQQGLEHHHHHH
;
_entity_poly.pdbx_strand_id   A,B,C,D
#
# COMPACT_ATOMS: atom_id res chain seq x y z
N THR A 10 30.30 37.15 -24.66
CA THR A 10 30.24 38.54 -24.12
C THR A 10 29.34 39.43 -24.99
N THR A 11 28.04 39.14 -24.98
CA THR A 11 26.98 39.91 -25.65
C THR A 11 25.63 39.33 -25.24
N GLU A 12 24.86 40.08 -24.45
CA GLU A 12 23.61 39.55 -23.93
C GLU A 12 22.34 40.00 -24.67
N LEU A 13 21.39 39.08 -24.75
CA LEU A 13 20.17 39.21 -25.53
C LEU A 13 18.98 38.70 -24.73
N PRO A 14 17.80 39.29 -24.97
CA PRO A 14 16.60 38.76 -24.33
C PRO A 14 16.27 37.35 -24.84
N GLY A 15 15.77 36.50 -23.96
CA GLY A 15 15.46 35.11 -24.31
C GLY A 15 14.25 34.55 -23.61
N ARG A 16 13.64 33.53 -24.23
CA ARG A 16 12.55 32.77 -23.65
C ARG A 16 12.98 31.31 -23.64
N THR A 17 12.69 30.61 -22.55
CA THR A 17 12.92 29.17 -22.47
C THR A 17 11.68 28.49 -23.01
N SER A 18 11.85 27.34 -23.64
CA SER A 18 10.70 26.59 -24.13
C SER A 18 11.00 25.09 -24.10
N ALA A 19 9.96 24.26 -24.07
CA ALA A 19 10.15 22.82 -23.90
C ALA A 19 10.73 22.14 -25.12
N TYR A 20 11.61 21.16 -24.85
CA TYR A 20 12.24 20.30 -25.88
C TYR A 20 11.21 19.35 -26.50
N ARG A 21 10.29 18.87 -25.68
CA ARG A 21 9.26 17.93 -26.10
C ARG A 21 8.03 18.17 -25.26
N ILE A 22 6.88 18.11 -25.91
CA ILE A 22 5.60 18.25 -25.25
C ILE A 22 4.71 17.09 -25.64
N ALA A 23 4.04 16.48 -24.67
CA ALA A 23 3.04 15.47 -25.02
C ALA A 23 1.81 15.62 -24.15
N GLU A 24 0.66 15.45 -24.77
CA GLU A 24 -0.59 15.46 -24.03
C GLU A 24 -0.91 14.05 -23.54
N VAL A 25 -1.50 13.93 -22.37
CA VAL A 25 -1.90 12.64 -21.85
C VAL A 25 -3.37 12.45 -22.16
N ARG A 26 -3.68 11.45 -22.98
CA ARG A 26 -5.04 11.23 -23.46
C ARG A 26 -5.47 9.76 -23.32
N PRO A 27 -6.75 9.52 -22.96
CA PRO A 27 -7.19 8.15 -22.88
C PRO A 27 -7.53 7.59 -24.26
N GLN A 28 -7.14 6.34 -24.51
CA GLN A 28 -7.44 5.66 -25.77
C GLN A 28 -8.64 4.73 -25.59
N VAL A 29 -9.27 4.83 -24.43
CA VAL A 29 -10.31 3.91 -24.03
C VAL A 29 -11.18 4.71 -23.06
N SER A 30 -12.49 4.53 -23.11
CA SER A 30 -13.40 5.24 -22.23
C SER A 30 -13.62 4.49 -20.93
N GLY A 31 -13.97 5.23 -19.89
CA GLY A 31 -14.32 4.63 -18.60
C GLY A 31 -14.15 5.62 -17.48
N ILE A 32 -14.10 5.09 -16.26
CA ILE A 32 -13.97 5.91 -15.07
C ILE A 32 -12.56 5.87 -14.54
N ILE A 33 -12.03 7.04 -14.20
CA ILE A 33 -10.70 7.17 -13.60
C ILE A 33 -10.74 6.56 -12.19
N LEU A 34 -10.06 5.41 -12.03
CA LEU A 34 -10.00 4.75 -10.75
C LEU A 34 -8.99 5.43 -9.82
N LYS A 35 -7.82 5.75 -10.35
CA LYS A 35 -6.79 6.41 -9.55
C LYS A 35 -5.88 7.30 -10.41
N ARG A 36 -5.36 8.37 -9.79
CA ARG A 36 -4.32 9.22 -10.37
C ARG A 36 -3.03 8.83 -9.66
N ASN A 37 -1.99 8.55 -10.44
CA ASN A 37 -0.76 8.01 -9.84
C ASN A 37 0.39 8.99 -9.66
N PHE A 38 0.20 10.22 -10.08
CA PHE A 38 1.26 11.22 -10.02
C PHE A 38 0.85 12.38 -9.13
N LYS A 39 1.84 13.05 -8.53
CA LYS A 39 1.59 14.36 -7.95
C LYS A 39 1.70 15.38 -9.11
N GLU A 40 0.85 16.40 -9.05
CA GLU A 40 0.83 17.47 -10.05
C GLU A 40 2.10 18.31 -9.90
N GLY A 41 2.82 18.49 -11.01
CA GLY A 41 4.07 19.26 -11.00
C GLY A 41 5.29 18.40 -10.75
N SER A 42 5.13 17.09 -10.81
CA SER A 42 6.24 16.17 -10.51
C SER A 42 6.86 15.63 -11.78
N ASP A 43 8.07 15.11 -11.65
CA ASP A 43 8.81 14.47 -12.73
C ASP A 43 8.32 13.05 -12.98
N ILE A 44 8.05 12.75 -14.25
CA ILE A 44 7.37 11.53 -14.67
C ILE A 44 8.22 10.76 -15.66
N GLU A 45 8.12 9.43 -15.67
CA GLU A 45 8.81 8.60 -16.65
C GLU A 45 7.85 8.03 -17.72
N ALA A 46 8.28 8.06 -18.98
CA ALA A 46 7.50 7.54 -20.11
C ALA A 46 7.07 6.10 -19.86
N GLY A 47 5.83 5.76 -20.22
CA GLY A 47 5.33 4.41 -20.04
C GLY A 47 4.82 4.02 -18.66
N VAL A 48 5.04 4.87 -17.66
CA VAL A 48 4.56 4.58 -16.32
C VAL A 48 3.08 4.96 -16.29
N SER A 49 2.31 4.19 -15.53
CA SER A 49 0.88 4.41 -15.35
C SER A 49 0.64 5.76 -14.67
N LEU A 50 0.01 6.68 -15.38
CA LEU A 50 -0.30 7.99 -14.83
C LEU A 50 -1.70 7.97 -14.24
N TYR A 51 -2.65 7.41 -14.97
CA TYR A 51 -4.00 7.18 -14.45
C TYR A 51 -4.40 5.75 -14.72
N GLN A 52 -5.13 5.16 -13.78
CA GLN A 52 -5.76 3.86 -14.02
C GLN A 52 -7.23 4.10 -14.24
N ILE A 53 -7.71 3.75 -15.43
CA ILE A 53 -9.13 3.69 -15.76
C ILE A 53 -9.59 2.36 -15.17
N ASP A 54 -10.74 2.37 -14.48
CA ASP A 54 -11.27 1.17 -13.87
C ASP A 54 -11.39 0.11 -14.95
N PRO A 55 -10.65 -1.00 -14.80
CA PRO A 55 -10.57 -2.05 -15.80
C PRO A 55 -11.56 -3.21 -15.65
N ALA A 56 -12.50 -3.14 -14.70
CA ALA A 56 -13.36 -4.29 -14.41
C ALA A 56 -14.15 -4.76 -15.64
N THR A 57 -14.93 -3.87 -16.26
CA THR A 57 -15.69 -4.19 -17.47
C THR A 57 -14.79 -4.63 -18.63
N TYR A 58 -13.64 -3.98 -18.81
CA TYR A 58 -12.73 -4.42 -19.86
C TYR A 58 -12.13 -5.79 -19.58
N GLN A 59 -11.67 -6.03 -18.36
CA GLN A 59 -11.25 -7.39 -18.00
C GLN A 59 -12.30 -8.44 -18.38
N ALA A 60 -13.58 -8.12 -18.17
CA ALA A 60 -14.68 -9.04 -18.46
C ALA A 60 -14.81 -9.32 -19.96
N THR A 61 -14.82 -8.25 -20.76
CA THR A 61 -14.91 -8.39 -22.22
C THR A 61 -13.79 -9.31 -22.71
N TYR A 62 -12.63 -9.18 -22.09
CA TYR A 62 -11.48 -10.05 -22.36
C TYR A 62 -11.76 -11.51 -22.00
N ASP A 63 -12.18 -11.74 -20.76
CA ASP A 63 -12.55 -13.09 -20.33
C ASP A 63 -13.68 -13.64 -21.21
N SER A 64 -14.65 -12.83 -21.59
CA SER A 64 -15.71 -13.28 -22.48
C SER A 64 -15.18 -13.75 -23.85
N ALA A 65 -14.46 -12.86 -24.56
CA ALA A 65 -13.89 -13.12 -25.86
C ALA A 65 -12.99 -14.36 -25.86
N LYS A 66 -12.29 -14.59 -24.75
CA LYS A 66 -11.44 -15.77 -24.61
C LYS A 66 -12.28 -17.03 -24.50
N GLY A 67 -13.48 -16.88 -23.95
CA GLY A 67 -14.42 -17.97 -23.79
C GLY A 67 -15.11 -18.27 -25.11
N ASP A 68 -15.28 -17.26 -25.95
CA ASP A 68 -15.86 -17.52 -27.27
C ASP A 68 -14.80 -18.23 -28.11
N LEU A 69 -13.54 -17.91 -27.85
CA LEU A 69 -12.45 -18.55 -28.59
C LEU A 69 -12.40 -20.02 -28.20
N ALA A 70 -12.43 -20.30 -26.90
CA ALA A 70 -12.38 -21.66 -26.41
C ALA A 70 -13.50 -22.51 -27.00
N LYS A 71 -14.72 -21.97 -27.09
CA LYS A 71 -15.86 -22.71 -27.66
C LYS A 71 -15.63 -22.97 -29.14
N ALA A 72 -15.24 -21.91 -29.87
CA ALA A 72 -14.91 -21.96 -31.28
C ALA A 72 -13.81 -22.97 -31.62
N GLN A 73 -12.74 -22.99 -30.83
CA GLN A 73 -11.70 -23.98 -31.07
C GLN A 73 -12.21 -25.38 -30.78
N ALA A 74 -13.09 -25.53 -29.79
CA ALA A 74 -13.69 -26.83 -29.53
C ALA A 74 -14.53 -27.26 -30.74
N ALA A 75 -15.45 -26.39 -31.13
CA ALA A 75 -16.28 -26.58 -32.30
C ALA A 75 -15.41 -26.91 -33.51
N ALA A 76 -14.36 -26.12 -33.80
CA ALA A 76 -13.46 -26.41 -34.92
C ALA A 76 -12.79 -27.79 -34.82
N ASN A 77 -12.32 -28.14 -33.62
CA ASN A 77 -11.67 -29.44 -33.43
C ASN A 77 -12.62 -30.59 -33.66
N ILE A 78 -13.85 -30.47 -33.19
CA ILE A 78 -14.87 -31.52 -33.33
C ILE A 78 -15.24 -31.76 -34.79
N ALA A 79 -15.30 -30.67 -35.56
CA ALA A 79 -15.66 -30.71 -36.97
C ALA A 79 -14.49 -31.22 -37.81
N GLN A 80 -13.28 -30.91 -37.35
CA GLN A 80 -12.06 -31.34 -37.99
C GLN A 80 -11.94 -32.84 -37.85
N LEU A 81 -12.29 -33.36 -36.69
CA LEU A 81 -12.27 -34.81 -36.48
C LEU A 81 -13.28 -35.52 -37.39
N THR A 82 -14.44 -34.91 -37.67
CA THR A 82 -15.41 -35.61 -38.51
C THR A 82 -15.02 -35.57 -39.98
N VAL A 83 -14.30 -34.52 -40.38
CA VAL A 83 -13.73 -34.47 -41.71
C VAL A 83 -12.73 -35.63 -41.85
N ASN A 84 -11.86 -35.83 -40.88
CA ASN A 84 -10.87 -36.91 -40.97
C ASN A 84 -11.47 -38.31 -41.03
N ARG A 85 -12.52 -38.55 -40.22
CA ARG A 85 -13.21 -39.83 -40.20
C ARG A 85 -13.77 -40.13 -41.59
N TYR A 86 -14.44 -39.12 -42.15
CA TYR A 86 -15.15 -39.22 -43.41
C TYR A 86 -14.20 -39.37 -44.57
N GLN A 87 -13.11 -38.61 -44.54
CA GLN A 87 -12.09 -38.71 -45.59
C GLN A 87 -11.59 -40.13 -45.81
N LYS A 88 -11.36 -40.87 -44.73
CA LYS A 88 -10.80 -42.21 -44.87
C LYS A 88 -11.86 -43.26 -45.20
N LEU A 89 -13.11 -42.82 -45.25
CA LEU A 89 -14.21 -43.67 -45.68
C LEU A 89 -14.68 -43.39 -47.11
N LEU A 90 -14.12 -42.38 -47.77
CA LEU A 90 -14.48 -42.09 -49.16
C LEU A 90 -14.17 -43.28 -50.07
N GLY A 91 -15.05 -43.55 -51.02
CA GLY A 91 -14.84 -44.66 -51.94
C GLY A 91 -15.29 -46.00 -51.41
N THR A 92 -15.83 -46.03 -50.20
CA THR A 92 -16.36 -47.27 -49.64
C THR A 92 -17.87 -47.16 -49.43
N GLN A 93 -18.52 -48.32 -49.29
CA GLN A 93 -19.97 -48.45 -49.03
C GLN A 93 -20.53 -47.53 -47.93
N TYR A 94 -19.66 -46.84 -47.20
CA TYR A 94 -20.08 -46.28 -45.91
C TYR A 94 -20.33 -44.77 -45.81
N ILE A 95 -20.02 -44.03 -46.88
CA ILE A 95 -20.20 -42.56 -46.92
C ILE A 95 -20.34 -42.06 -48.36
N SER A 96 -20.87 -40.85 -48.54
CA SER A 96 -21.08 -40.25 -49.86
C SER A 96 -20.43 -38.89 -49.99
N LYS A 97 -20.06 -38.51 -51.21
CA LYS A 97 -19.45 -37.21 -51.49
C LYS A 97 -20.23 -35.99 -50.96
N GLN A 98 -21.56 -36.04 -50.94
CA GLN A 98 -22.36 -34.93 -50.40
C GLN A 98 -22.16 -34.87 -48.90
N GLU A 99 -22.14 -36.03 -48.25
CA GLU A 99 -21.90 -36.11 -46.81
C GLU A 99 -20.56 -35.47 -46.45
N TYR A 100 -19.52 -35.83 -47.20
CA TYR A 100 -18.19 -35.28 -46.97
C TYR A 100 -18.14 -33.78 -47.24
N ASP A 101 -18.73 -33.35 -48.35
CA ASP A 101 -18.83 -31.94 -48.71
C ASP A 101 -19.57 -31.14 -47.65
N GLN A 102 -20.54 -31.77 -46.98
CA GLN A 102 -21.27 -31.12 -45.90
C GLN A 102 -20.37 -30.98 -44.67
N ALA A 103 -19.60 -32.02 -44.38
CA ALA A 103 -18.65 -32.01 -43.27
C ALA A 103 -17.56 -30.97 -43.52
N LEU A 104 -17.09 -30.89 -44.76
CA LEU A 104 -16.19 -29.81 -45.17
C LEU A 104 -16.71 -28.40 -44.90
N ALA A 105 -18.00 -28.20 -45.17
CA ALA A 105 -18.65 -26.91 -44.99
C ALA A 105 -18.76 -26.52 -43.51
N ASP A 106 -19.08 -27.51 -42.68
CA ASP A 106 -19.17 -27.29 -41.25
C ASP A 106 -17.81 -26.86 -40.75
N ALA A 107 -16.79 -27.62 -41.13
CA ALA A 107 -15.42 -27.30 -40.73
C ALA A 107 -15.11 -25.86 -41.10
N GLN A 108 -15.23 -25.52 -42.38
CA GLN A 108 -14.91 -24.16 -42.83
C GLN A 108 -15.65 -23.13 -42.01
N GLN A 109 -16.93 -23.40 -41.75
CA GLN A 109 -17.77 -22.54 -40.94
C GLN A 109 -17.19 -22.39 -39.53
N ALA A 110 -16.79 -23.52 -38.94
CA ALA A 110 -16.23 -23.48 -37.60
C ALA A 110 -14.88 -22.73 -37.62
N ASN A 111 -14.11 -22.91 -38.69
CA ASN A 111 -12.82 -22.24 -38.83
C ASN A 111 -12.88 -20.72 -38.98
N ALA A 112 -13.88 -20.24 -39.73
CA ALA A 112 -14.16 -18.83 -39.85
C ALA A 112 -14.48 -18.25 -38.46
N ALA A 113 -15.23 -19.02 -37.67
CA ALA A 113 -15.63 -18.59 -36.34
C ALA A 113 -14.36 -18.48 -35.53
N VAL A 114 -13.48 -19.48 -35.63
CA VAL A 114 -12.21 -19.40 -34.90
C VAL A 114 -11.44 -18.14 -35.27
N THR A 115 -11.34 -17.88 -36.57
CA THR A 115 -10.75 -16.66 -37.08
C THR A 115 -11.36 -15.45 -36.34
N ALA A 116 -12.66 -15.21 -36.48
CA ALA A 116 -13.26 -14.01 -35.90
C ALA A 116 -13.03 -13.96 -34.41
N ALA A 117 -13.09 -15.10 -33.74
CA ALA A 117 -12.89 -15.11 -32.29
C ALA A 117 -11.48 -14.64 -31.89
N LYS A 118 -10.46 -15.04 -32.64
CA LYS A 118 -9.09 -14.62 -32.33
C LYS A 118 -9.00 -13.10 -32.39
N ALA A 119 -9.55 -12.51 -33.46
CA ALA A 119 -9.69 -11.06 -33.60
C ALA A 119 -10.36 -10.41 -32.36
N ALA A 120 -11.40 -11.06 -31.82
CA ALA A 120 -12.15 -10.46 -30.74
C ALA A 120 -11.29 -10.40 -29.49
N VAL A 121 -10.52 -11.47 -29.26
CA VAL A 121 -9.63 -11.58 -28.10
C VAL A 121 -8.57 -10.50 -28.12
N GLU A 122 -7.87 -10.39 -29.26
CA GLU A 122 -6.81 -9.41 -29.42
C GLU A 122 -7.37 -8.00 -29.24
N THR A 123 -8.50 -7.69 -29.90
CA THR A 123 -9.16 -6.39 -29.70
C THR A 123 -9.36 -6.07 -28.22
N ALA A 124 -10.00 -6.98 -27.50
CA ALA A 124 -10.32 -6.79 -26.10
C ALA A 124 -9.08 -6.84 -25.22
N ARG A 125 -8.04 -7.57 -25.65
CA ARG A 125 -6.78 -7.51 -24.92
C ARG A 125 -6.17 -6.09 -24.96
N ILE A 126 -6.22 -5.45 -26.13
CA ILE A 126 -5.57 -4.14 -26.27
C ILE A 126 -6.36 -3.03 -25.59
N ASN A 127 -7.69 -3.17 -25.53
CA ASN A 127 -8.51 -2.27 -24.75
C ASN A 127 -8.18 -2.43 -23.28
N LEU A 128 -7.97 -3.65 -22.83
CA LEU A 128 -7.64 -3.79 -21.44
C LEU A 128 -6.32 -3.07 -21.16
N ALA A 129 -5.28 -3.36 -21.94
CA ALA A 129 -3.95 -2.73 -21.74
C ALA A 129 -3.98 -1.19 -21.70
N TYR A 130 -4.87 -0.59 -22.49
CA TYR A 130 -4.94 0.85 -22.57
C TYR A 130 -5.72 1.50 -21.42
N THR A 131 -6.11 0.70 -20.43
CA THR A 131 -6.83 1.23 -19.28
C THR A 131 -5.82 1.85 -18.33
N LYS A 132 -4.57 1.41 -18.35
CA LYS A 132 -3.54 2.24 -17.72
C LYS A 132 -3.07 3.29 -18.74
N VAL A 133 -3.28 4.56 -18.41
CA VAL A 133 -3.01 5.70 -19.27
C VAL A 133 -1.60 6.21 -18.98
N THR A 134 -0.83 6.44 -20.03
CA THR A 134 0.59 6.75 -19.94
C THR A 134 0.98 7.92 -20.85
N SER A 135 2.18 8.46 -20.62
CA SER A 135 2.74 9.50 -21.48
C SER A 135 3.81 8.88 -22.40
N PRO A 136 3.87 9.34 -23.66
CA PRO A 136 4.86 8.80 -24.58
C PRO A 136 6.27 9.27 -24.26
N ILE A 137 6.40 10.38 -23.52
CA ILE A 137 7.71 10.93 -23.17
C ILE A 137 7.89 11.05 -21.65
N SER A 138 9.14 11.10 -21.17
CA SER A 138 9.40 11.44 -19.77
C SER A 138 9.51 12.96 -19.60
N GLY A 139 9.02 13.49 -18.47
CA GLY A 139 9.04 14.92 -18.25
C GLY A 139 8.30 15.35 -17.00
N ARG A 140 8.11 16.65 -16.87
CA ARG A 140 7.41 17.25 -15.75
C ARG A 140 5.95 17.33 -16.18
N ILE A 141 5.08 16.75 -15.35
CA ILE A 141 3.63 16.75 -15.59
C ILE A 141 3.03 17.94 -14.84
N GLY A 142 2.01 18.55 -15.41
CA GLY A 142 1.42 19.75 -14.80
C GLY A 142 0.27 19.38 -13.89
N LYS A 143 -0.74 20.26 -13.84
CA LYS A 143 -1.98 19.97 -13.11
C LYS A 143 -2.76 18.92 -13.87
N SER A 144 -3.53 18.12 -13.17
CA SER A 144 -4.45 17.20 -13.82
C SER A 144 -5.74 17.93 -14.13
N ASN A 145 -6.26 17.80 -15.35
CA ASN A 145 -7.49 18.50 -15.72
C ASN A 145 -8.74 17.73 -15.35
N VAL A 146 -8.53 16.62 -14.66
CA VAL A 146 -9.59 15.65 -14.42
C VAL A 146 -9.46 15.16 -12.97
N THR A 147 -10.58 15.07 -12.26
CA THR A 147 -10.55 14.55 -10.89
C THR A 147 -10.60 13.04 -10.93
N GLU A 148 -10.24 12.40 -9.82
CA GLU A 148 -10.46 10.96 -9.68
C GLU A 148 -11.96 10.66 -9.74
N GLY A 149 -12.33 9.51 -10.29
CA GLY A 149 -13.74 9.17 -10.45
C GLY A 149 -14.40 9.86 -11.62
N ALA A 150 -13.61 10.57 -12.41
CA ALA A 150 -14.13 11.27 -13.59
C ALA A 150 -14.41 10.32 -14.76
N LEU A 151 -15.41 10.70 -15.55
CA LEU A 151 -15.74 9.98 -16.77
C LEU A 151 -14.90 10.56 -17.90
N VAL A 152 -14.02 9.73 -18.44
CA VAL A 152 -13.22 10.12 -19.60
C VAL A 152 -13.70 9.34 -20.83
N GLN A 153 -13.66 9.95 -22.00
CA GLN A 153 -14.07 9.29 -23.24
C GLN A 153 -12.92 9.27 -24.22
N ASN A 154 -12.76 8.13 -24.89
CA ASN A 154 -11.83 8.03 -26.00
C ASN A 154 -12.16 9.10 -27.04
N GLY A 155 -11.19 9.94 -27.35
CA GLY A 155 -11.37 10.99 -28.35
C GLY A 155 -11.88 12.33 -27.85
N GLN A 156 -11.97 12.51 -26.52
CA GLN A 156 -12.49 13.78 -25.99
C GLN A 156 -11.52 14.92 -26.26
N ALA A 157 -12.08 16.13 -26.37
CA ALA A 157 -11.33 17.37 -26.65
C ALA A 157 -10.15 17.63 -25.71
N THR A 158 -10.46 17.84 -24.43
CA THR A 158 -9.44 18.29 -23.50
C THR A 158 -8.56 17.14 -23.01
N ALA A 159 -7.25 17.41 -22.99
CA ALA A 159 -6.25 16.49 -22.50
C ALA A 159 -6.39 16.31 -21.00
N LEU A 160 -5.96 15.17 -20.47
CA LEU A 160 -6.05 14.93 -19.03
C LEU A 160 -4.96 15.66 -18.29
N ALA A 161 -3.81 15.80 -18.94
CA ALA A 161 -2.60 16.38 -18.37
C ALA A 161 -1.63 16.65 -19.54
N THR A 162 -0.57 17.42 -19.27
CA THR A 162 0.46 17.70 -20.26
C THR A 162 1.81 17.46 -19.62
N VAL A 163 2.69 16.75 -20.31
CA VAL A 163 4.05 16.61 -19.79
C VAL A 163 5.06 17.31 -20.71
N GLN A 164 6.05 17.93 -20.09
CA GLN A 164 7.03 18.72 -20.78
C GLN A 164 8.40 18.19 -20.43
N GLN A 165 9.15 17.85 -21.48
CA GLN A 165 10.50 17.37 -21.27
C GLN A 165 11.33 18.56 -20.84
N LEU A 166 11.94 18.41 -19.67
CA LEU A 166 12.55 19.55 -18.99
C LEU A 166 14.03 19.54 -19.17
N ASP A 167 14.61 18.34 -19.15
CA ASP A 167 15.98 18.27 -19.59
C ASP A 167 15.93 18.70 -21.05
N PRO A 168 16.90 18.32 -21.88
CA PRO A 168 17.50 19.36 -22.71
C PRO A 168 16.54 20.55 -22.88
N ILE A 169 16.84 21.72 -22.33
CA ILE A 169 15.91 22.83 -22.52
C ILE A 169 16.37 23.81 -23.60
N TYR A 170 15.41 24.37 -24.30
CA TYR A 170 15.65 25.30 -25.38
C TYR A 170 15.61 26.73 -24.90
N VAL A 171 16.41 27.60 -25.51
CA VAL A 171 16.34 29.03 -25.20
C VAL A 171 16.36 29.79 -26.51
N ASP A 172 15.27 30.46 -26.80
CA ASP A 172 15.16 31.25 -28.01
C ASP A 172 15.69 32.64 -27.74
N VAL A 173 16.53 33.08 -28.66
CA VAL A 173 17.30 34.29 -28.50
C VAL A 173 17.11 35.18 -29.73
N THR A 174 17.04 36.49 -29.55
CA THR A 174 16.85 37.38 -30.70
C THR A 174 17.80 38.57 -30.84
N GLN A 175 18.16 38.88 -32.08
CA GLN A 175 18.94 40.06 -32.45
C GLN A 175 18.46 40.67 -33.76
N SER A 176 18.59 41.99 -33.88
CA SER A 176 18.19 42.70 -35.08
C SER A 176 19.20 42.54 -36.22
N SER A 177 18.80 42.96 -37.42
CA SER A 177 19.72 43.12 -38.55
C SER A 177 20.80 44.10 -38.11
N ASN A 178 20.35 45.21 -37.53
CA ASN A 178 21.15 46.25 -36.90
C ASN A 178 22.19 45.67 -35.93
N ASP A 179 21.84 44.58 -35.27
CA ASP A 179 22.71 43.97 -34.28
C ASP A 179 23.94 43.33 -34.93
N MSE A 180 23.76 42.80 -36.13
CA MSE A 180 24.88 42.25 -36.87
C MSE A 180 25.60 43.32 -37.68
O MSE A 180 26.77 43.64 -37.42
CB MSE A 180 24.41 41.12 -37.80
CG MSE A 180 24.27 39.82 -37.02
SE MSE A 180 23.42 38.32 -38.02
CE MSE A 180 24.75 38.32 -39.65
N LYS A 198 30.75 24.66 -30.02
CA LYS A 198 31.87 25.46 -29.51
C LYS A 198 31.45 26.89 -29.10
N ALA A 199 30.38 27.44 -29.68
CA ALA A 199 29.94 28.80 -29.36
C ALA A 199 29.11 28.82 -28.09
N LYS A 200 29.75 29.20 -26.97
CA LYS A 200 29.13 29.14 -25.67
C LYS A 200 27.92 30.07 -25.54
N VAL A 201 26.90 29.60 -24.83
CA VAL A 201 25.77 30.42 -24.42
C VAL A 201 25.55 30.18 -22.93
N SER A 202 25.16 31.24 -22.20
CA SER A 202 24.86 31.10 -20.78
C SER A 202 23.77 32.09 -20.35
N LEU A 203 23.17 31.82 -19.20
CA LEU A 203 22.06 32.63 -18.70
C LEU A 203 22.28 33.29 -17.35
N ILE A 204 21.76 34.50 -17.25
CA ILE A 204 21.47 35.18 -15.99
C ILE A 204 19.98 34.88 -15.73
N THR A 205 19.71 34.05 -14.72
CA THR A 205 18.39 33.44 -14.45
C THR A 205 17.26 34.44 -14.14
N SER A 206 17.48 35.37 -13.21
CA SER A 206 16.47 36.39 -12.91
C SER A 206 17.05 37.57 -12.14
N ASP A 207 17.76 38.42 -12.88
CA ASP A 207 18.40 39.64 -12.36
C ASP A 207 19.56 39.42 -11.39
N GLY A 208 20.51 38.59 -11.85
CA GLY A 208 21.75 38.39 -11.11
C GLY A 208 22.35 37.01 -11.30
N ILE A 209 21.82 36.06 -10.54
CA ILE A 209 22.37 34.71 -10.43
C ILE A 209 22.39 33.99 -11.78
N LYS A 210 23.49 33.30 -12.04
CA LYS A 210 23.75 32.63 -13.30
C LYS A 210 23.55 31.12 -13.20
N PHE A 211 22.74 30.60 -14.11
CA PHE A 211 22.46 29.17 -14.27
C PHE A 211 23.78 28.40 -14.44
N PRO A 212 24.10 27.49 -13.50
CA PRO A 212 25.39 26.80 -13.47
C PRO A 212 25.58 25.76 -14.59
N GLN A 213 24.79 25.86 -15.64
CA GLN A 213 24.94 25.02 -16.82
C GLN A 213 25.28 25.91 -18.01
N ASP A 214 26.16 25.39 -18.87
CA ASP A 214 26.52 26.09 -20.10
C ASP A 214 25.80 25.47 -21.29
N GLY A 215 25.27 26.32 -22.16
CA GLY A 215 24.57 25.89 -23.35
C GLY A 215 25.35 26.17 -24.61
N THR A 216 24.95 25.50 -25.70
CA THR A 216 25.52 25.70 -27.03
C THR A 216 24.34 26.02 -27.94
N LEU A 217 24.61 26.37 -29.20
CA LEU A 217 23.54 26.48 -30.19
C LEU A 217 23.21 25.08 -30.73
N GLU A 218 21.93 24.75 -30.80
CA GLU A 218 21.45 23.42 -31.21
C GLU A 218 21.85 22.99 -32.65
N PHE A 219 21.51 23.82 -33.64
CA PHE A 219 21.77 23.53 -35.04
C PHE A 219 22.31 24.70 -35.86
N SER A 220 23.05 24.38 -36.92
CA SER A 220 23.56 25.34 -37.90
C SER A 220 22.42 26.02 -38.67
N ASP A 221 21.41 26.52 -37.94
CA ASP A 221 20.21 27.08 -38.56
C ASP A 221 19.58 28.25 -37.76
N VAL A 222 18.94 29.17 -38.50
CA VAL A 222 18.36 30.39 -37.93
C VAL A 222 16.90 30.51 -38.35
N THR A 223 16.25 31.57 -37.87
CA THR A 223 14.90 31.95 -38.25
C THR A 223 15.00 33.44 -38.59
N VAL A 224 14.64 33.82 -39.81
CA VAL A 224 14.74 35.22 -40.23
C VAL A 224 13.34 35.84 -40.34
N ASP A 225 13.17 37.04 -39.78
CA ASP A 225 11.88 37.74 -39.85
C ASP A 225 11.68 38.49 -41.17
N GLN A 226 10.48 38.31 -41.72
CA GLN A 226 10.09 38.80 -43.04
C GLN A 226 10.00 40.32 -43.14
N THR A 227 9.24 40.94 -42.23
CA THR A 227 8.97 42.38 -42.33
C THR A 227 10.17 43.21 -41.85
N THR A 228 10.62 42.94 -40.62
CA THR A 228 11.84 43.52 -40.07
C THR A 228 12.97 42.50 -40.19
N GLY A 229 14.15 42.95 -40.57
CA GLY A 229 15.31 42.08 -40.69
C GLY A 229 15.72 41.68 -39.28
N SER A 230 15.62 40.40 -38.99
CA SER A 230 15.85 39.90 -37.63
C SER A 230 16.34 38.46 -37.63
N ILE A 231 17.19 38.14 -36.66
CA ILE A 231 17.70 36.78 -36.53
C ILE A 231 17.38 36.20 -35.16
N THR A 232 16.55 35.15 -35.16
CA THR A 232 16.25 34.35 -33.98
C THR A 232 17.14 33.12 -33.96
N LEU A 233 17.88 32.92 -32.88
CA LEU A 233 18.69 31.73 -32.67
C LEU A 233 18.10 30.81 -31.57
N ARG A 234 18.47 29.54 -31.59
CA ARG A 234 18.05 28.58 -30.57
C ARG A 234 19.25 27.95 -29.86
N ALA A 235 19.32 28.12 -28.55
CA ALA A 235 20.35 27.46 -27.76
C ALA A 235 19.77 26.24 -27.06
N ILE A 236 20.61 25.27 -26.76
CA ILE A 236 20.17 24.10 -26.02
C ILE A 236 21.03 23.97 -24.78
N PHE A 237 20.36 23.83 -23.63
CA PHE A 237 21.02 23.75 -22.34
C PHE A 237 20.73 22.40 -21.71
N PRO A 238 21.72 21.78 -21.07
CA PRO A 238 21.37 20.66 -20.21
C PRO A 238 20.67 21.18 -18.95
N ASN A 239 19.64 20.46 -18.52
CA ASN A 239 18.92 20.83 -17.30
C ASN A 239 18.74 19.64 -16.34
N PRO A 240 19.84 19.07 -15.83
CA PRO A 240 19.71 17.78 -15.13
C PRO A 240 19.06 17.89 -13.75
N ASP A 241 19.22 19.05 -13.10
CA ASP A 241 18.59 19.33 -11.81
C ASP A 241 17.12 19.74 -11.93
N HIS A 242 16.62 19.77 -13.17
CA HIS A 242 15.24 20.13 -13.50
C HIS A 242 14.81 21.46 -12.90
N THR A 243 15.71 22.45 -12.95
CA THR A 243 15.43 23.76 -12.34
C THR A 243 14.90 24.79 -13.32
N MSE A 244 15.33 24.76 -14.58
CA MSE A 244 14.71 25.58 -15.60
C MSE A 244 13.29 25.08 -15.90
O MSE A 244 13.03 23.88 -15.92
CB MSE A 244 15.52 25.60 -16.90
CG MSE A 244 16.72 26.54 -16.92
SE MSE A 244 16.14 28.42 -16.78
CE MSE A 244 17.57 29.06 -15.57
N MSE A 245 12.39 26.03 -16.14
CA MSE A 245 11.07 25.73 -16.64
C MSE A 245 10.95 26.41 -17.98
O MSE A 245 11.59 27.43 -18.21
CB MSE A 245 10.01 26.32 -15.70
CG MSE A 245 10.06 25.84 -14.26
SE MSE A 245 9.74 23.92 -14.09
CE MSE A 245 7.94 23.79 -14.96
N PRO A 246 10.13 25.87 -18.89
CA PRO A 246 9.85 26.58 -20.12
C PRO A 246 8.89 27.73 -19.85
N GLY A 247 8.85 28.70 -20.76
CA GLY A 247 8.00 29.87 -20.60
C GLY A 247 8.58 30.91 -19.69
N MSE A 248 9.91 30.89 -19.55
CA MSE A 248 10.60 31.83 -18.69
C MSE A 248 11.37 32.87 -19.47
O MSE A 248 12.16 32.52 -20.36
CB MSE A 248 11.57 31.12 -17.77
CG MSE A 248 10.91 30.48 -16.57
SE MSE A 248 12.37 29.86 -15.46
CE MSE A 248 12.63 31.52 -14.33
N PHE A 249 11.15 34.13 -19.12
CA PHE A 249 11.90 35.24 -19.69
C PHE A 249 13.27 35.29 -19.03
N VAL A 250 14.30 35.30 -19.86
CA VAL A 250 15.68 35.05 -19.44
C VAL A 250 16.71 35.91 -20.20
N ARG A 251 17.78 36.32 -19.51
CA ARG A 251 18.90 37.02 -20.14
C ARG A 251 19.94 36.01 -20.64
N ALA A 252 20.29 36.09 -21.92
CA ALA A 252 21.24 35.13 -22.50
C ALA A 252 22.49 35.79 -23.07
N ARG A 253 23.66 35.28 -22.73
CA ARG A 253 24.88 35.81 -23.35
C ARG A 253 25.68 34.77 -24.12
N LEU A 254 26.28 35.24 -25.22
CA LEU A 254 27.01 34.39 -26.16
C LEU A 254 28.49 34.76 -26.23
N GLU A 255 29.35 33.76 -26.05
CA GLU A 255 30.79 33.93 -26.21
C GLU A 255 31.17 33.87 -27.68
N THR B 10 11.57 37.56 7.90
CA THR B 10 10.53 36.50 7.67
C THR B 10 9.13 37.10 7.51
N THR B 11 8.69 37.32 6.27
CA THR B 11 7.44 38.03 6.00
C THR B 11 6.30 37.21 5.35
N GLU B 12 5.37 37.95 4.75
CA GLU B 12 4.08 37.45 4.29
C GLU B 12 3.98 37.35 2.77
N LEU B 13 3.36 36.29 2.29
CA LEU B 13 3.06 36.09 0.87
C LEU B 13 1.69 35.41 0.72
N PRO B 14 0.69 36.14 0.16
CA PRO B 14 -0.70 35.70 0.19
C PRO B 14 -0.97 34.42 -0.59
N GLY B 15 -1.90 33.62 -0.11
CA GLY B 15 -2.28 32.38 -0.77
C GLY B 15 -3.73 31.96 -0.61
N ARG B 16 -4.13 30.96 -1.39
CA ARG B 16 -5.47 30.39 -1.30
C ARG B 16 -5.36 28.86 -1.16
N THR B 17 -6.23 28.27 -0.35
CA THR B 17 -6.17 26.82 -0.13
C THR B 17 -6.97 26.08 -1.18
N SER B 18 -6.42 24.96 -1.66
CA SER B 18 -7.16 24.07 -2.55
C SER B 18 -7.12 22.61 -2.06
N ALA B 19 -8.06 21.78 -2.51
CA ALA B 19 -8.14 20.39 -2.06
C ALA B 19 -6.96 19.55 -2.51
N TYR B 20 -6.56 18.65 -1.64
CA TYR B 20 -5.46 17.73 -1.89
C TYR B 20 -5.85 16.65 -2.89
N ARG B 21 -7.11 16.22 -2.87
CA ARG B 21 -7.65 15.25 -3.82
C ARG B 21 -9.13 15.50 -4.02
N ILE B 22 -9.60 15.35 -5.27
CA ILE B 22 -11.03 15.43 -5.56
C ILE B 22 -11.42 14.20 -6.38
N ALA B 23 -12.61 13.70 -6.11
CA ALA B 23 -13.16 12.58 -6.83
C ALA B 23 -14.64 12.83 -7.07
N GLU B 24 -15.09 12.50 -8.28
CA GLU B 24 -16.51 12.51 -8.60
C GLU B 24 -17.10 11.12 -8.28
N VAL B 25 -18.34 11.09 -7.82
CA VAL B 25 -19.04 9.84 -7.54
C VAL B 25 -19.98 9.59 -8.71
N ARG B 26 -19.72 8.50 -9.42
CA ARG B 26 -20.45 8.14 -10.64
C ARG B 26 -20.93 6.69 -10.65
N PRO B 27 -22.10 6.44 -11.24
CA PRO B 27 -22.55 5.06 -11.36
C PRO B 27 -21.92 4.38 -12.56
N GLN B 28 -21.54 3.13 -12.40
CA GLN B 28 -20.95 2.37 -13.48
C GLN B 28 -21.95 1.32 -13.96
N VAL B 29 -23.18 1.49 -13.50
CA VAL B 29 -24.27 0.58 -13.78
C VAL B 29 -25.54 1.40 -13.73
N SER B 30 -26.48 1.13 -14.61
CA SER B 30 -27.72 1.88 -14.73
C SER B 30 -28.78 1.31 -13.81
N GLY B 31 -29.70 2.15 -13.35
CA GLY B 31 -30.80 1.68 -12.52
C GLY B 31 -31.38 2.78 -11.68
N ILE B 32 -32.16 2.40 -10.67
CA ILE B 32 -32.83 3.34 -9.77
C ILE B 32 -32.04 3.45 -8.49
N ILE B 33 -31.83 4.67 -7.99
CA ILE B 33 -31.22 4.88 -6.66
C ILE B 33 -32.23 4.46 -5.59
N LEU B 34 -31.92 3.36 -4.93
CA LEU B 34 -32.76 2.85 -3.86
C LEU B 34 -32.57 3.63 -2.57
N LYS B 35 -31.33 3.93 -2.20
CA LYS B 35 -31.06 4.72 -0.99
C LYS B 35 -29.79 5.57 -1.13
N ARG B 36 -29.77 6.70 -0.44
CA ARG B 36 -28.59 7.53 -0.28
C ARG B 36 -28.10 7.27 1.13
N ASN B 37 -26.81 6.97 1.29
CA ASN B 37 -26.30 6.56 2.60
C ASN B 37 -25.50 7.58 3.38
N PHE B 38 -25.32 8.75 2.80
CA PHE B 38 -24.57 9.79 3.46
C PHE B 38 -25.45 11.03 3.69
N LYS B 39 -25.11 11.79 4.74
CA LYS B 39 -25.64 13.14 4.88
C LYS B 39 -24.75 14.07 4.05
N GLU B 40 -25.38 15.08 3.44
CA GLU B 40 -24.68 16.02 2.58
C GLU B 40 -23.81 16.92 3.42
N GLY B 41 -22.53 17.05 3.06
CA GLY B 41 -21.60 17.86 3.83
C GLY B 41 -20.84 17.07 4.87
N SER B 42 -21.03 15.76 4.90
CA SER B 42 -20.40 14.91 5.92
C SER B 42 -19.10 14.28 5.44
N ASP B 43 -18.31 13.80 6.39
CA ASP B 43 -17.05 13.13 6.09
C ASP B 43 -17.27 11.64 5.79
N ILE B 44 -16.67 11.19 4.69
CA ILE B 44 -16.90 9.86 4.14
C ILE B 44 -15.64 9.03 3.98
N GLU B 45 -15.75 7.71 4.06
CA GLU B 45 -14.59 6.83 3.81
C GLU B 45 -14.63 6.16 2.43
N ALA B 46 -13.47 6.08 1.78
CA ALA B 46 -13.36 5.40 0.48
C ALA B 46 -13.91 3.98 0.55
N GLY B 47 -14.64 3.58 -0.48
CA GLY B 47 -15.17 2.21 -0.55
C GLY B 47 -16.46 1.93 0.22
N VAL B 48 -16.89 2.86 1.08
CA VAL B 48 -18.19 2.77 1.73
C VAL B 48 -19.29 3.03 0.71
N SER B 49 -20.39 2.31 0.83
CA SER B 49 -21.52 2.54 -0.06
C SER B 49 -22.16 3.89 0.20
N LEU B 50 -22.12 4.72 -0.83
CA LEU B 50 -22.70 6.06 -0.78
C LEU B 50 -24.14 6.04 -1.28
N TYR B 51 -24.36 5.38 -2.42
CA TYR B 51 -25.70 5.10 -2.91
C TYR B 51 -25.88 3.63 -3.19
N GLN B 52 -27.08 3.11 -2.95
CA GLN B 52 -27.43 1.76 -3.37
C GLN B 52 -28.41 1.87 -4.53
N ILE B 53 -27.98 1.35 -5.67
CA ILE B 53 -28.81 1.22 -6.86
C ILE B 53 -29.59 -0.07 -6.67
N ASP B 54 -30.85 -0.12 -7.10
CA ASP B 54 -31.65 -1.33 -6.91
C ASP B 54 -31.02 -2.55 -7.55
N PRO B 55 -30.57 -3.52 -6.73
CA PRO B 55 -29.83 -4.66 -7.27
C PRO B 55 -30.66 -5.85 -7.79
N ALA B 56 -31.97 -5.89 -7.53
CA ALA B 56 -32.81 -7.05 -7.90
C ALA B 56 -32.41 -7.77 -9.20
N THR B 57 -32.54 -7.11 -10.34
CA THR B 57 -32.20 -7.75 -11.62
C THR B 57 -30.72 -8.18 -11.71
N TYR B 58 -29.84 -7.34 -11.19
CA TYR B 58 -28.41 -7.65 -11.16
C TYR B 58 -28.12 -8.89 -10.32
N GLN B 59 -28.79 -9.01 -9.18
CA GLN B 59 -28.68 -10.20 -8.33
C GLN B 59 -29.15 -11.45 -9.07
N ALA B 60 -30.31 -11.33 -9.73
CA ALA B 60 -30.96 -12.45 -10.41
C ALA B 60 -30.02 -13.00 -11.47
N THR B 61 -29.46 -12.12 -12.30
CA THR B 61 -28.49 -12.49 -13.33
C THR B 61 -27.35 -13.29 -12.71
N TYR B 62 -26.70 -12.71 -11.70
CA TYR B 62 -25.59 -13.37 -11.00
C TYR B 62 -25.94 -14.76 -10.46
N ASP B 63 -26.95 -14.85 -9.58
CA ASP B 63 -27.39 -16.14 -9.07
C ASP B 63 -27.57 -17.04 -10.28
N SER B 64 -28.22 -16.51 -11.31
CA SER B 64 -28.54 -17.32 -12.47
C SER B 64 -27.24 -17.83 -13.13
N ALA B 65 -26.38 -16.93 -13.60
CA ALA B 65 -25.04 -17.26 -14.10
C ALA B 65 -24.35 -18.35 -13.27
N LYS B 66 -24.30 -18.22 -11.94
CA LYS B 66 -23.56 -19.18 -11.12
C LYS B 66 -24.17 -20.59 -11.23
N GLY B 67 -25.49 -20.64 -11.37
CA GLY B 67 -26.24 -21.86 -11.64
C GLY B 67 -25.73 -22.54 -12.89
N ASP B 68 -25.51 -21.76 -13.95
CA ASP B 68 -25.01 -22.28 -15.22
C ASP B 68 -23.62 -22.86 -15.01
N LEU B 69 -22.79 -22.14 -14.27
CA LEU B 69 -21.40 -22.56 -14.10
C LEU B 69 -21.33 -23.94 -13.48
N ALA B 70 -22.13 -24.13 -12.43
CA ALA B 70 -22.19 -25.39 -11.72
C ALA B 70 -22.54 -26.51 -12.70
N LYS B 71 -23.57 -26.30 -13.52
CA LYS B 71 -24.00 -27.30 -14.51
C LYS B 71 -22.88 -27.60 -15.49
N ALA B 72 -22.28 -26.54 -16.05
CA ALA B 72 -21.15 -26.68 -16.95
C ALA B 72 -20.01 -27.43 -16.25
N GLN B 73 -19.74 -27.05 -15.00
CA GLN B 73 -18.67 -27.65 -14.23
C GLN B 73 -18.89 -29.17 -14.09
N ALA B 74 -20.13 -29.56 -13.81
CA ALA B 74 -20.55 -30.96 -13.61
C ALA B 74 -20.41 -31.77 -14.90
N ALA B 75 -20.75 -31.16 -16.04
CA ALA B 75 -20.60 -31.82 -17.34
C ALA B 75 -19.12 -32.07 -17.67
N ALA B 76 -18.25 -31.17 -17.22
CA ALA B 76 -16.81 -31.31 -17.41
C ALA B 76 -16.29 -32.46 -16.59
N ASN B 77 -16.83 -32.60 -15.38
CA ASN B 77 -16.57 -33.75 -14.51
C ASN B 77 -16.91 -35.05 -15.25
N ILE B 78 -18.09 -35.13 -15.87
CA ILE B 78 -18.45 -36.32 -16.65
C ILE B 78 -17.48 -36.59 -17.80
N ALA B 79 -17.17 -35.57 -18.61
CA ALA B 79 -16.24 -35.75 -19.72
C ALA B 79 -14.81 -36.08 -19.28
N GLN B 80 -14.32 -35.43 -18.23
CA GLN B 80 -12.99 -35.72 -17.69
C GLN B 80 -12.86 -37.18 -17.24
N LEU B 81 -13.89 -37.66 -16.54
CA LEU B 81 -13.96 -39.04 -16.06
C LEU B 81 -13.82 -40.04 -17.22
N THR B 82 -14.45 -39.73 -18.36
CA THR B 82 -14.36 -40.57 -19.56
C THR B 82 -12.93 -40.62 -20.11
N VAL B 83 -12.27 -39.46 -20.17
CA VAL B 83 -10.90 -39.35 -20.65
C VAL B 83 -9.95 -40.14 -19.75
N ASN B 84 -10.15 -40.07 -18.43
CA ASN B 84 -9.37 -40.84 -17.45
C ASN B 84 -9.43 -42.33 -17.74
N ARG B 85 -10.64 -42.85 -17.97
CA ARG B 85 -10.82 -44.26 -18.31
C ARG B 85 -10.02 -44.65 -19.53
N TYR B 86 -10.15 -43.88 -20.61
CA TYR B 86 -9.37 -44.09 -21.82
C TYR B 86 -7.87 -44.08 -21.55
N GLN B 87 -7.43 -43.09 -20.79
CA GLN B 87 -6.03 -42.98 -20.40
C GLN B 87 -5.56 -44.24 -19.68
N LYS B 88 -6.28 -44.65 -18.62
CA LYS B 88 -5.91 -45.82 -17.80
C LYS B 88 -5.86 -47.13 -18.56
N LEU B 89 -6.75 -47.29 -19.54
CA LEU B 89 -6.76 -48.45 -20.42
C LEU B 89 -5.71 -48.39 -21.54
N LEU B 90 -5.07 -47.23 -21.72
CA LEU B 90 -4.09 -47.06 -22.82
C LEU B 90 -2.78 -47.80 -22.57
N GLY B 91 -2.45 -48.04 -21.30
CA GLY B 91 -1.31 -48.87 -20.91
C GLY B 91 -1.54 -50.37 -21.01
N THR B 92 -2.78 -50.79 -21.27
CA THR B 92 -3.15 -52.22 -21.23
C THR B 92 -3.77 -52.78 -22.53
N GLN B 93 -4.54 -51.96 -23.26
CA GLN B 93 -5.30 -52.39 -24.44
C GLN B 93 -4.87 -51.60 -25.68
N TYR B 94 -5.18 -52.13 -26.86
CA TYR B 94 -5.13 -51.33 -28.08
C TYR B 94 -6.44 -50.58 -28.11
N ILE B 95 -6.38 -49.24 -28.05
CA ILE B 95 -7.57 -48.38 -28.07
C ILE B 95 -7.54 -47.51 -29.31
N SER B 96 -8.69 -47.36 -29.97
CA SER B 96 -8.75 -46.58 -31.19
C SER B 96 -8.37 -45.13 -30.91
N LYS B 97 -7.49 -44.62 -31.76
CA LYS B 97 -7.10 -43.21 -31.69
C LYS B 97 -8.35 -42.37 -31.88
N GLN B 98 -9.27 -42.87 -32.70
CA GLN B 98 -10.55 -42.19 -32.98
C GLN B 98 -11.44 -42.07 -31.76
N GLU B 99 -11.78 -43.19 -31.12
CA GLU B 99 -12.61 -43.17 -29.90
C GLU B 99 -11.98 -42.29 -28.83
N TYR B 100 -10.64 -42.24 -28.82
CA TYR B 100 -9.85 -41.46 -27.85
C TYR B 100 -9.83 -39.95 -28.12
N ASP B 101 -9.59 -39.57 -29.37
CA ASP B 101 -9.63 -38.16 -29.78
C ASP B 101 -11.02 -37.59 -29.59
N GLN B 102 -12.04 -38.44 -29.74
CA GLN B 102 -13.42 -38.08 -29.45
C GLN B 102 -13.65 -37.73 -27.98
N ALA B 103 -13.11 -38.54 -27.07
CA ALA B 103 -13.25 -38.30 -25.65
C ALA B 103 -12.56 -36.99 -25.31
N LEU B 104 -11.32 -36.83 -25.78
CA LEU B 104 -10.56 -35.60 -25.60
C LEU B 104 -11.29 -34.39 -26.13
N ALA B 105 -11.85 -34.53 -27.34
CA ALA B 105 -12.57 -33.45 -28.01
C ALA B 105 -13.81 -33.04 -27.23
N ASP B 106 -14.47 -34.00 -26.61
CA ASP B 106 -15.64 -33.71 -25.78
C ASP B 106 -15.29 -33.07 -24.43
N ALA B 107 -14.18 -33.50 -23.85
CA ALA B 107 -13.61 -32.85 -22.67
C ALA B 107 -13.26 -31.40 -23.02
N GLN B 108 -12.58 -31.19 -24.14
CA GLN B 108 -12.23 -29.83 -24.57
C GLN B 108 -13.49 -28.96 -24.66
N GLN B 109 -14.55 -29.50 -25.28
CA GLN B 109 -15.83 -28.81 -25.37
C GLN B 109 -16.47 -28.50 -24.01
N ALA B 110 -16.54 -29.49 -23.12
CA ALA B 110 -17.10 -29.26 -21.79
C ALA B 110 -16.27 -28.23 -21.03
N ASN B 111 -14.95 -28.30 -21.13
CA ASN B 111 -14.12 -27.29 -20.49
C ASN B 111 -14.38 -25.87 -21.01
N ALA B 112 -14.57 -25.74 -22.32
CA ALA B 112 -14.82 -24.45 -22.95
C ALA B 112 -16.12 -23.83 -22.44
N ALA B 113 -17.13 -24.67 -22.18
CA ALA B 113 -18.38 -24.18 -21.63
C ALA B 113 -18.11 -23.64 -20.23
N VAL B 114 -17.21 -24.29 -19.49
CA VAL B 114 -16.82 -23.80 -18.18
C VAL B 114 -16.14 -22.42 -18.32
N THR B 115 -15.11 -22.34 -19.16
CA THR B 115 -14.45 -21.06 -19.40
C THR B 115 -15.48 -20.00 -19.77
N ALA B 116 -16.42 -20.32 -20.65
CA ALA B 116 -17.47 -19.37 -21.01
C ALA B 116 -18.30 -19.02 -19.78
N ALA B 117 -18.74 -20.02 -18.99
CA ALA B 117 -19.60 -19.77 -17.84
C ALA B 117 -18.96 -18.92 -16.73
N LYS B 118 -17.68 -19.16 -16.45
CA LYS B 118 -16.92 -18.30 -15.54
C LYS B 118 -16.96 -16.81 -15.94
N ALA B 119 -16.95 -16.53 -17.23
CA ALA B 119 -16.92 -15.12 -17.62
C ALA B 119 -18.32 -14.53 -17.49
N ALA B 120 -19.33 -15.37 -17.69
CA ALA B 120 -20.66 -14.85 -17.45
C ALA B 120 -20.83 -14.59 -15.92
N VAL B 121 -20.17 -15.38 -15.07
CA VAL B 121 -20.28 -15.10 -13.65
C VAL B 121 -19.59 -13.76 -13.34
N GLU B 122 -18.37 -13.62 -13.83
CA GLU B 122 -17.60 -12.37 -13.69
C GLU B 122 -18.33 -11.11 -14.16
N THR B 123 -18.90 -11.17 -15.37
CA THR B 123 -19.64 -10.06 -15.95
C THR B 123 -20.77 -9.67 -15.02
N ALA B 124 -21.51 -10.67 -14.54
CA ALA B 124 -22.63 -10.45 -13.62
C ALA B 124 -22.13 -9.98 -12.25
N ARG B 125 -21.00 -10.51 -11.80
CA ARG B 125 -20.46 -10.20 -10.48
C ARG B 125 -20.07 -8.74 -10.43
N ILE B 126 -19.38 -8.31 -11.48
CA ILE B 126 -18.88 -6.94 -11.67
C ILE B 126 -20.02 -5.91 -11.71
N ASN B 127 -21.10 -6.18 -12.44
CA ASN B 127 -22.26 -5.29 -12.38
C ASN B 127 -22.92 -5.23 -11.00
N LEU B 128 -23.06 -6.39 -10.34
CA LEU B 128 -23.69 -6.43 -9.04
C LEU B 128 -22.90 -5.55 -8.06
N ALA B 129 -21.57 -5.72 -8.06
CA ALA B 129 -20.71 -4.95 -7.19
C ALA B 129 -20.97 -3.45 -7.38
N TYR B 130 -21.26 -3.04 -8.61
CA TYR B 130 -21.46 -1.62 -8.93
C TYR B 130 -22.77 -1.06 -8.42
N THR B 131 -23.65 -1.91 -7.90
CA THR B 131 -24.91 -1.40 -7.33
C THR B 131 -24.65 -0.61 -6.05
N LYS B 132 -23.56 -0.96 -5.36
CA LYS B 132 -23.01 -0.18 -4.27
C LYS B 132 -22.12 0.88 -4.90
N VAL B 133 -22.55 2.13 -4.89
CA VAL B 133 -21.74 3.20 -5.46
C VAL B 133 -20.85 3.83 -4.39
N THR B 134 -19.56 3.95 -4.70
CA THR B 134 -18.58 4.41 -3.72
C THR B 134 -17.71 5.52 -4.29
N SER B 135 -16.91 6.13 -3.42
CA SER B 135 -15.89 7.10 -3.81
C SER B 135 -14.52 6.44 -3.71
N PRO B 136 -13.63 6.75 -4.66
CA PRO B 136 -12.29 6.15 -4.56
C PRO B 136 -11.42 6.76 -3.47
N ILE B 137 -11.77 7.96 -3.01
CA ILE B 137 -10.99 8.63 -1.95
C ILE B 137 -11.85 8.95 -0.72
N SER B 138 -11.22 9.14 0.44
CA SER B 138 -11.92 9.59 1.64
C SER B 138 -11.95 11.11 1.65
N GLY B 139 -13.03 11.70 2.14
CA GLY B 139 -13.11 13.17 2.14
C GLY B 139 -14.48 13.69 2.51
N ARG B 140 -14.65 15.01 2.32
CA ARG B 140 -15.91 15.69 2.56
C ARG B 140 -16.75 15.59 1.31
N ILE B 141 -17.97 15.07 1.46
CA ILE B 141 -18.91 14.95 0.36
C ILE B 141 -19.79 16.21 0.31
N GLY B 142 -20.15 16.68 -0.87
CA GLY B 142 -20.97 17.89 -1.01
C GLY B 142 -22.45 17.57 -1.06
N LYS B 143 -23.22 18.40 -1.75
CA LYS B 143 -24.64 18.13 -2.00
C LYS B 143 -24.74 16.95 -2.95
N SER B 144 -25.81 16.17 -2.83
CA SER B 144 -26.11 15.11 -3.80
C SER B 144 -26.86 15.74 -4.96
N ASN B 145 -26.44 15.39 -6.18
CA ASN B 145 -27.04 15.92 -7.41
C ASN B 145 -28.29 15.17 -7.83
N VAL B 146 -28.58 14.12 -7.08
CA VAL B 146 -29.63 13.18 -7.42
C VAL B 146 -30.47 12.86 -6.18
N THR B 147 -31.79 12.80 -6.34
CA THR B 147 -32.64 12.47 -5.20
C THR B 147 -32.77 10.95 -5.12
N GLU B 148 -33.27 10.45 -3.99
CA GLU B 148 -33.58 9.02 -3.87
C GLU B 148 -34.71 8.68 -4.81
N GLY B 149 -34.62 7.49 -5.42
CA GLY B 149 -35.60 7.05 -6.41
C GLY B 149 -35.29 7.60 -7.78
N ALA B 150 -34.15 8.25 -7.96
CA ALA B 150 -33.79 8.75 -9.27
C ALA B 150 -33.25 7.65 -10.18
N LEU B 151 -33.52 7.82 -11.48
CA LEU B 151 -32.92 7.02 -12.54
C LEU B 151 -31.50 7.50 -12.83
N VAL B 152 -30.54 6.62 -12.64
CA VAL B 152 -29.16 6.91 -12.98
C VAL B 152 -28.74 5.99 -14.12
N GLN B 153 -27.86 6.49 -14.98
CA GLN B 153 -27.41 5.73 -16.15
C GLN B 153 -25.89 5.62 -16.17
N ASN B 154 -25.39 4.41 -16.39
CA ASN B 154 -23.97 4.17 -16.61
C ASN B 154 -23.48 5.11 -17.71
N GLY B 155 -22.49 5.95 -17.44
CA GLY B 155 -21.98 6.88 -18.45
C GLY B 155 -22.64 8.25 -18.57
N GLN B 156 -23.58 8.56 -17.69
CA GLN B 156 -24.24 9.86 -17.70
C GLN B 156 -23.29 11.03 -17.42
N ALA B 157 -23.60 12.21 -17.96
CA ALA B 157 -22.69 13.35 -17.87
C ALA B 157 -22.45 13.84 -16.43
N THR B 158 -23.52 14.23 -15.74
CA THR B 158 -23.36 14.84 -14.42
C THR B 158 -23.09 13.81 -13.33
N ALA B 159 -22.10 14.10 -12.51
CA ALA B 159 -21.75 13.26 -11.37
C ALA B 159 -22.83 13.31 -10.27
N LEU B 160 -22.92 12.25 -9.49
CA LEU B 160 -23.93 12.16 -8.45
C LEU B 160 -23.59 13.09 -7.27
N ALA B 161 -22.29 13.17 -6.97
CA ALA B 161 -21.73 13.95 -5.86
C ALA B 161 -20.23 14.10 -6.06
N THR B 162 -19.61 15.01 -5.31
CA THR B 162 -18.19 15.27 -5.39
C THR B 162 -17.60 15.18 -3.99
N VAL B 163 -16.47 14.48 -3.84
CA VAL B 163 -15.84 14.43 -2.54
C VAL B 163 -14.45 15.03 -2.63
N GLN B 164 -14.11 15.80 -1.60
CA GLN B 164 -12.88 16.54 -1.54
C GLN B 164 -12.08 16.13 -0.33
N GLN B 165 -10.84 15.70 -0.54
CA GLN B 165 -10.01 15.33 0.60
C GLN B 165 -9.56 16.62 1.30
N LEU B 166 -9.70 16.65 2.61
CA LEU B 166 -9.33 17.83 3.38
C LEU B 166 -8.07 17.71 4.22
N ASP B 167 -7.76 16.54 4.75
CA ASP B 167 -6.88 16.52 5.93
C ASP B 167 -5.46 16.94 5.71
N PRO B 168 -4.84 16.51 4.60
CA PRO B 168 -3.71 17.38 4.29
C PRO B 168 -4.25 18.40 3.28
N ILE B 169 -4.08 19.70 3.53
CA ILE B 169 -4.56 20.68 2.54
C ILE B 169 -3.41 21.42 1.84
N TYR B 170 -3.58 21.70 0.54
CA TYR B 170 -2.60 22.50 -0.19
C TYR B 170 -2.87 23.97 0.05
N VAL B 171 -1.80 24.76 0.16
CA VAL B 171 -1.89 26.22 0.05
C VAL B 171 -1.04 26.66 -1.15
N ASP B 172 -1.71 27.26 -2.13
CA ASP B 172 -1.04 27.78 -3.31
C ASP B 172 -0.78 29.26 -3.12
N VAL B 173 0.43 29.70 -3.49
CA VAL B 173 0.88 31.09 -3.37
C VAL B 173 1.48 31.63 -4.65
N THR B 174 1.35 32.94 -4.88
CA THR B 174 1.80 33.61 -6.11
C THR B 174 3.05 34.48 -5.93
N GLN B 175 4.07 34.22 -6.74
CA GLN B 175 5.38 34.92 -6.66
C GLN B 175 5.74 35.78 -7.88
N SER B 176 6.56 36.79 -7.67
CA SER B 176 6.98 37.68 -8.74
C SER B 176 8.25 37.18 -9.42
N ALA B 199 11.73 23.70 4.10
CA ALA B 199 11.29 25.03 4.49
C ALA B 199 9.97 24.98 5.25
N LYS B 200 9.97 25.49 6.47
CA LYS B 200 8.75 25.55 7.27
C LYS B 200 7.90 26.74 6.82
N VAL B 201 6.58 26.52 6.78
CA VAL B 201 5.60 27.53 6.39
C VAL B 201 4.50 27.55 7.45
N SER B 202 4.01 28.74 7.80
CA SER B 202 2.91 28.85 8.77
C SER B 202 1.77 29.72 8.25
N LEU B 203 0.60 29.60 8.88
CA LEU B 203 -0.60 30.27 8.38
C LEU B 203 -1.26 31.26 9.32
N ILE B 204 -1.88 32.26 8.71
CA ILE B 204 -2.77 33.18 9.38
C ILE B 204 -4.11 33.04 8.66
N THR B 205 -5.14 32.66 9.41
CA THR B 205 -6.51 32.53 8.87
C THR B 205 -7.13 33.93 8.66
N SER B 206 -8.27 33.98 7.97
CA SER B 206 -8.90 35.24 7.55
C SER B 206 -9.18 36.24 8.68
N ASP B 207 -9.51 35.71 9.85
CA ASP B 207 -9.80 36.51 11.05
C ASP B 207 -8.56 37.11 11.69
N GLY B 208 -7.39 36.59 11.34
CA GLY B 208 -6.12 37.07 11.89
C GLY B 208 -5.44 36.11 12.84
N ILE B 209 -6.19 35.13 13.34
CA ILE B 209 -5.68 34.10 14.23
C ILE B 209 -4.72 33.16 13.45
N LYS B 210 -3.74 32.59 14.16
CA LYS B 210 -2.76 31.68 13.57
C LYS B 210 -3.26 30.23 13.58
N PHE B 211 -2.87 29.48 12.55
CA PHE B 211 -3.22 28.07 12.41
C PHE B 211 -2.33 27.20 13.29
N PRO B 212 -2.92 26.32 14.11
CA PRO B 212 -2.24 25.46 15.09
C PRO B 212 -1.11 24.54 14.58
N GLN B 213 -1.21 24.01 13.37
CA GLN B 213 -0.14 23.17 12.83
C GLN B 213 0.43 23.78 11.57
N ASP B 214 1.76 23.84 11.47
CA ASP B 214 2.40 24.48 10.32
C ASP B 214 2.84 23.53 9.20
N GLY B 215 3.07 24.07 8.01
CA GLY B 215 3.30 23.26 6.82
C GLY B 215 4.65 23.38 6.15
N THR B 216 4.80 22.67 5.04
CA THR B 216 6.08 22.61 4.34
C THR B 216 5.97 23.08 2.88
N LEU B 217 7.02 23.75 2.41
CA LEU B 217 7.10 24.19 1.02
C LEU B 217 8.24 23.48 0.30
N GLU B 218 7.90 22.84 -0.82
CA GLU B 218 8.87 22.14 -1.64
C GLU B 218 9.24 22.93 -2.90
N PHE B 219 10.53 22.95 -3.21
CA PHE B 219 11.03 23.57 -4.42
C PHE B 219 10.79 22.59 -5.58
N SER B 220 10.45 21.35 -5.21
CA SER B 220 10.03 20.28 -6.11
C SER B 220 8.91 20.74 -7.04
N ASP B 221 7.68 20.68 -6.53
CA ASP B 221 6.49 21.12 -7.24
C ASP B 221 6.49 22.63 -7.48
N VAL B 222 6.24 23.00 -8.73
CA VAL B 222 6.11 24.39 -9.18
C VAL B 222 5.02 24.48 -10.25
N THR B 223 4.80 25.70 -10.75
CA THR B 223 3.95 26.01 -11.91
C THR B 223 4.36 27.41 -12.37
N VAL B 224 4.49 27.59 -13.68
CA VAL B 224 4.88 28.86 -14.30
C VAL B 224 3.82 29.29 -15.33
N ASP B 225 2.86 30.10 -14.86
CA ASP B 225 1.73 30.57 -15.67
C ASP B 225 2.20 31.37 -16.89
N GLN B 226 2.45 30.66 -18.00
CA GLN B 226 3.00 31.33 -19.18
C GLN B 226 2.13 32.34 -19.86
N THR B 227 0.81 32.17 -19.79
CA THR B 227 -0.21 33.16 -20.15
C THR B 227 0.10 34.54 -19.54
N THR B 228 1.02 34.55 -18.57
CA THR B 228 1.37 35.74 -17.80
C THR B 228 2.88 35.80 -17.51
N GLY B 229 3.49 34.65 -17.28
CA GLY B 229 4.88 34.55 -16.84
C GLY B 229 5.00 34.60 -15.32
N SER B 230 3.96 34.16 -14.61
CA SER B 230 3.89 34.18 -13.14
C SER B 230 4.32 32.87 -12.49
N ILE B 231 4.97 32.96 -11.32
CA ILE B 231 5.40 31.78 -10.57
C ILE B 231 4.30 31.29 -9.60
N THR B 232 4.28 29.98 -9.34
CA THR B 232 3.37 29.39 -8.35
C THR B 232 4.01 28.23 -7.57
N LEU B 233 4.04 28.39 -6.24
CA LEU B 233 4.53 27.35 -5.33
C LEU B 233 3.37 26.72 -4.56
N ARG B 234 3.47 25.41 -4.31
CA ARG B 234 2.44 24.67 -3.58
C ARG B 234 2.90 24.36 -2.16
N ALA B 235 2.16 24.85 -1.18
CA ALA B 235 2.45 24.52 0.22
C ALA B 235 1.51 23.42 0.70
N ILE B 236 1.89 22.75 1.79
CA ILE B 236 1.12 21.63 2.32
C ILE B 236 1.02 21.67 3.85
N PHE B 237 -0.22 21.70 4.35
CA PHE B 237 -0.51 21.77 5.78
C PHE B 237 -1.41 20.62 6.24
N PRO B 238 -1.08 19.98 7.38
CA PRO B 238 -2.04 19.10 8.03
C PRO B 238 -3.30 19.89 8.34
N ASN B 239 -4.44 19.20 8.35
CA ASN B 239 -5.72 19.80 8.69
C ASN B 239 -6.52 18.81 9.57
N PRO B 240 -5.95 18.40 10.70
CA PRO B 240 -6.54 17.30 11.49
C PRO B 240 -7.95 17.60 11.99
N ASP B 241 -8.19 18.88 12.30
CA ASP B 241 -9.47 19.38 12.76
C ASP B 241 -10.45 19.82 11.67
N HIS B 242 -10.12 19.60 10.40
CA HIS B 242 -11.00 19.94 9.27
C HIS B 242 -11.45 21.41 9.28
N THR B 243 -10.77 22.28 10.02
CA THR B 243 -11.23 23.65 10.19
C THR B 243 -10.98 24.47 8.93
N MSE B 244 -9.84 24.20 8.29
CA MSE B 244 -9.48 24.79 7.01
C MSE B 244 -10.40 24.24 5.94
O MSE B 244 -10.76 23.06 5.96
CB MSE B 244 -8.03 24.42 6.70
CG MSE B 244 -7.31 25.33 5.74
SE MSE B 244 -6.40 26.82 6.63
CE MSE B 244 -7.97 27.94 7.04
N MSE B 245 -10.79 25.08 4.99
CA MSE B 245 -11.63 24.66 3.87
C MSE B 245 -11.01 25.05 2.54
O MSE B 245 -10.23 26.00 2.49
CB MSE B 245 -13.03 25.25 4.00
CG MSE B 245 -13.84 24.61 5.11
SE MSE B 245 -14.32 22.74 4.76
CE MSE B 245 -16.00 23.06 3.76
N PRO B 246 -11.33 24.31 1.47
CA PRO B 246 -10.76 24.68 0.16
C PRO B 246 -11.44 25.91 -0.42
N GLY B 247 -10.63 26.79 -1.00
CA GLY B 247 -11.12 28.01 -1.63
C GLY B 247 -11.11 29.23 -0.73
N MSE B 248 -10.67 29.08 0.52
CA MSE B 248 -10.61 30.22 1.45
C MSE B 248 -9.25 30.93 1.46
O MSE B 248 -8.19 30.29 1.48
CB MSE B 248 -11.12 29.86 2.87
CG MSE B 248 -10.18 29.06 3.79
SE MSE B 248 -10.98 28.49 5.51
CE MSE B 248 -11.40 30.27 6.32
N PHE B 249 -9.34 32.26 1.39
CA PHE B 249 -8.18 33.14 1.24
C PHE B 249 -7.32 33.17 2.50
N VAL B 250 -6.04 32.88 2.31
CA VAL B 250 -5.09 32.63 3.38
C VAL B 250 -3.87 33.55 3.32
N ARG B 251 -3.15 33.63 4.43
CA ARG B 251 -1.98 34.47 4.56
C ARG B 251 -0.83 33.60 5.11
N ALA B 252 0.11 33.25 4.23
CA ALA B 252 1.23 32.37 4.59
C ALA B 252 2.50 33.11 5.01
N ARG B 253 3.27 32.49 5.91
CA ARG B 253 4.50 33.07 6.47
C ARG B 253 5.72 32.18 6.24
N LEU B 254 6.91 32.77 6.38
CA LEU B 254 8.16 32.09 6.03
C LEU B 254 9.35 32.74 6.73
N THR C 10 32.94 -42.36 1.13
CA THR C 10 32.39 -43.66 1.61
C THR C 10 31.57 -43.50 2.88
N THR C 11 32.14 -42.87 3.90
CA THR C 11 31.47 -42.71 5.20
C THR C 11 30.32 -41.71 5.12
N GLU C 12 29.11 -42.24 5.30
CA GLU C 12 27.87 -41.48 5.27
C GLU C 12 27.20 -41.62 6.62
N LEU C 13 26.76 -40.50 7.18
CA LEU C 13 26.18 -40.48 8.52
C LEU C 13 24.90 -39.65 8.56
N PRO C 14 23.83 -40.19 9.19
CA PRO C 14 22.50 -39.58 9.18
C PRO C 14 22.35 -38.37 10.11
N GLY C 15 22.13 -37.22 9.50
CA GLY C 15 22.05 -35.96 10.24
C GLY C 15 20.69 -35.32 10.18
N ARG C 16 20.48 -34.38 11.08
CA ARG C 16 19.26 -33.59 11.17
C ARG C 16 19.70 -32.14 11.22
N THR C 17 18.91 -31.32 10.56
CA THR C 17 19.26 -29.97 10.24
C THR C 17 18.63 -29.04 11.29
N SER C 18 19.31 -27.99 11.73
CA SER C 18 18.65 -27.00 12.63
C SER C 18 19.10 -25.55 12.48
N ALA C 19 18.20 -24.64 12.85
CA ALA C 19 18.38 -23.21 12.73
C ALA C 19 19.65 -22.72 13.43
N TYR C 20 20.30 -21.74 12.78
CA TYR C 20 21.55 -21.13 13.23
C TYR C 20 21.27 -20.13 14.34
N ARG C 21 20.12 -19.46 14.24
CA ARG C 21 19.77 -18.40 15.16
C ARG C 21 18.24 -18.33 15.18
N ILE C 22 17.68 -18.18 16.37
CA ILE C 22 16.24 -18.09 16.55
C ILE C 22 15.93 -16.83 17.32
N ALA C 23 14.92 -16.10 16.89
CA ALA C 23 14.42 -15.01 17.73
C ALA C 23 12.91 -14.93 17.71
N GLU C 24 12.33 -14.67 18.88
CA GLU C 24 10.90 -14.44 19.01
C GLU C 24 10.56 -12.97 18.80
N VAL C 25 9.43 -12.73 18.13
CA VAL C 25 8.99 -11.38 17.85
C VAL C 25 7.95 -10.99 18.89
N ARG C 26 8.33 -10.03 19.74
CA ARG C 26 7.54 -9.62 20.91
C ARG C 26 7.29 -8.11 20.96
N PRO C 27 6.09 -7.69 21.42
CA PRO C 27 5.91 -6.23 21.51
C PRO C 27 6.47 -5.73 22.84
N GLN C 28 7.09 -4.56 22.78
CA GLN C 28 7.69 -3.89 23.92
C GLN C 28 6.75 -2.82 24.45
N VAL C 29 5.56 -2.76 23.87
CA VAL C 29 4.61 -1.68 24.10
C VAL C 29 3.26 -2.29 23.83
N SER C 30 2.24 -1.93 24.59
CA SER C 30 0.92 -2.54 24.42
C SER C 30 0.07 -1.70 23.49
N GLY C 31 -0.92 -2.33 22.87
CA GLY C 31 -1.85 -1.63 22.00
C GLY C 31 -2.52 -2.58 21.03
N ILE C 32 -3.11 -2.03 19.98
CA ILE C 32 -3.80 -2.80 18.96
C ILE C 32 -2.90 -2.93 17.74
N ILE C 33 -2.81 -4.13 17.18
CA ILE C 33 -2.06 -4.38 15.95
C ILE C 33 -2.86 -3.75 14.82
N LEU C 34 -2.32 -2.69 14.25
CA LEU C 34 -2.90 -2.02 13.10
C LEU C 34 -2.71 -2.80 11.80
N LYS C 35 -1.52 -3.36 11.60
CA LYS C 35 -1.23 -4.07 10.36
C LYS C 35 -0.11 -5.08 10.58
N ARG C 36 -0.18 -6.20 9.84
CA ARG C 36 0.88 -7.21 9.73
C ARG C 36 1.56 -6.92 8.42
N ASN C 37 2.89 -6.83 8.40
CA ASN C 37 3.60 -6.41 7.19
C ASN C 37 4.31 -7.54 6.45
N PHE C 38 4.24 -8.76 6.96
CA PHE C 38 4.92 -9.89 6.35
C PHE C 38 3.92 -10.95 5.90
N LYS C 39 4.30 -11.73 4.88
CA LYS C 39 3.58 -12.95 4.58
C LYS C 39 4.17 -14.03 5.46
N GLU C 40 3.32 -14.89 6.00
CA GLU C 40 3.83 -15.93 6.87
C GLU C 40 4.55 -16.98 6.04
N GLY C 41 5.73 -17.35 6.50
CA GLY C 41 6.60 -18.28 5.80
C GLY C 41 7.59 -17.59 4.89
N SER C 42 7.62 -16.25 4.92
CA SER C 42 8.51 -15.48 4.05
C SER C 42 9.82 -15.11 4.72
N ASP C 43 10.81 -14.70 3.92
CA ASP C 43 12.09 -14.29 4.44
C ASP C 43 12.07 -12.81 4.77
N ILE C 44 12.61 -12.49 5.94
CA ILE C 44 12.48 -11.20 6.61
C ILE C 44 13.84 -10.60 6.97
N GLU C 45 13.93 -9.27 6.95
CA GLU C 45 15.16 -8.59 7.35
C GLU C 45 15.09 -7.98 8.74
N ALA C 46 16.17 -8.15 9.51
CA ALA C 46 16.32 -7.50 10.82
C ALA C 46 15.96 -6.02 10.79
N GLY C 47 15.17 -5.55 11.75
CA GLY C 47 14.83 -4.14 11.86
C GLY C 47 13.69 -3.63 11.00
N VAL C 48 13.25 -4.44 10.04
CA VAL C 48 12.05 -4.10 9.25
C VAL C 48 10.77 -4.26 10.09
N SER C 49 9.85 -3.31 9.90
CA SER C 49 8.56 -3.34 10.56
C SER C 49 7.83 -4.61 10.21
N LEU C 50 7.59 -5.46 11.22
CA LEU C 50 6.84 -6.72 11.03
C LEU C 50 5.39 -6.50 11.36
N TYR C 51 5.14 -5.79 12.46
CA TYR C 51 3.78 -5.40 12.84
C TYR C 51 3.78 -3.94 13.18
N GLN C 52 2.72 -3.23 12.80
CA GLN C 52 2.52 -1.87 13.31
C GLN C 52 1.44 -1.86 14.39
N ILE C 53 1.80 -1.47 15.60
CA ILE C 53 0.83 -1.25 16.67
C ILE C 53 0.25 0.13 16.41
N ASP C 54 -1.07 0.25 16.51
CA ASP C 54 -1.74 1.53 16.27
C ASP C 54 -1.09 2.65 17.09
N PRO C 55 -0.41 3.62 16.44
CA PRO C 55 0.45 4.56 17.19
C PRO C 55 -0.20 5.85 17.72
N ALA C 56 -1.45 6.12 17.32
CA ALA C 56 -2.07 7.40 17.64
C ALA C 56 -1.96 7.82 19.11
N THR C 57 -2.24 6.93 20.05
CA THR C 57 -2.19 7.35 21.47
C THR C 57 -0.77 7.43 21.97
N TYR C 58 0.16 6.73 21.34
CA TYR C 58 1.57 6.89 21.68
C TYR C 58 2.06 8.23 21.15
N GLN C 59 1.56 8.62 19.97
CA GLN C 59 1.85 9.95 19.44
C GLN C 59 1.32 11.01 20.40
N ALA C 60 0.07 10.89 20.82
CA ALA C 60 -0.53 11.90 21.70
C ALA C 60 0.21 12.04 23.03
N THR C 61 0.65 10.92 23.59
CA THR C 61 1.44 10.94 24.82
C THR C 61 2.77 11.67 24.60
N TYR C 62 3.46 11.36 23.51
CA TYR C 62 4.72 12.04 23.22
C TYR C 62 4.49 13.56 23.14
N ASP C 63 3.51 13.98 22.32
CA ASP C 63 3.18 15.40 22.20
C ASP C 63 2.77 16.01 23.53
N SER C 64 2.16 15.20 24.40
CA SER C 64 1.77 15.66 25.73
C SER C 64 2.96 15.78 26.68
N ALA C 65 3.87 14.81 26.63
CA ALA C 65 5.12 14.80 27.37
C ALA C 65 5.94 16.05 27.09
N LYS C 66 6.09 16.40 25.82
CA LYS C 66 6.91 17.57 25.47
C LYS C 66 6.21 18.90 25.74
N GLY C 67 4.91 18.81 26.04
CA GLY C 67 4.14 19.92 26.61
C GLY C 67 4.53 20.16 28.06
N ASP C 68 4.54 19.11 28.88
CA ASP C 68 4.91 19.24 30.30
C ASP C 68 6.32 19.83 30.40
N LEU C 69 7.20 19.41 29.52
CA LEU C 69 8.55 19.94 29.50
C LEU C 69 8.53 21.45 29.28
N ALA C 70 7.94 21.91 28.17
CA ALA C 70 7.79 23.35 27.91
C ALA C 70 7.15 24.10 29.08
N LYS C 71 6.11 23.52 29.69
CA LYS C 71 5.49 24.08 30.90
C LYS C 71 6.50 24.15 32.05
N ALA C 72 7.17 23.03 32.31
CA ALA C 72 8.08 22.89 33.45
C ALA C 72 9.27 23.83 33.31
N GLN C 73 9.84 23.85 32.11
CA GLN C 73 10.97 24.71 31.78
C GLN C 73 10.68 26.18 32.01
N ALA C 74 9.49 26.61 31.59
CA ALA C 74 9.05 27.98 31.79
C ALA C 74 8.84 28.30 33.27
N ALA C 75 8.33 27.32 34.01
CA ALA C 75 8.09 27.46 35.45
C ALA C 75 9.43 27.55 36.20
N ALA C 76 10.38 26.72 35.76
CA ALA C 76 11.75 26.69 36.28
C ALA C 76 12.45 28.04 36.12
N ASN C 77 12.38 28.55 34.90
CA ASN C 77 12.84 29.88 34.54
C ASN C 77 12.14 30.98 35.34
N ILE C 78 10.81 30.97 35.43
CA ILE C 78 10.09 31.92 36.31
C ILE C 78 10.68 31.85 37.73
N ALA C 79 10.86 30.65 38.27
CA ALA C 79 11.28 30.49 39.67
C ALA C 79 12.73 30.91 39.92
N GLN C 80 13.57 30.73 38.91
CA GLN C 80 14.91 31.30 38.95
C GLN C 80 14.91 32.83 39.00
N LEU C 81 13.92 33.47 38.36
CA LEU C 81 13.87 34.93 38.37
C LEU C 81 13.50 35.47 39.74
N THR C 82 12.59 34.77 40.43
CA THR C 82 12.25 35.14 41.80
C THR C 82 13.51 35.06 42.66
N VAL C 83 14.26 33.97 42.50
CA VAL C 83 15.48 33.77 43.26
C VAL C 83 16.44 34.93 43.07
N ASN C 84 16.76 35.23 41.81
CA ASN C 84 17.70 36.29 41.49
C ASN C 84 17.26 37.64 42.03
N ARG C 85 15.94 37.88 41.99
CA ARG C 85 15.31 39.08 42.54
C ARG C 85 15.53 39.20 44.06
N TYR C 86 15.25 38.13 44.79
CA TYR C 86 15.45 38.11 46.25
C TYR C 86 16.92 38.21 46.67
N GLN C 87 17.80 37.52 45.95
CA GLN C 87 19.24 37.54 46.22
C GLN C 87 19.78 38.97 46.37
N LYS C 88 19.24 39.87 45.54
CA LYS C 88 19.60 41.29 45.59
C LYS C 88 19.06 42.01 46.82
N LEU C 89 18.16 41.36 47.56
CA LEU C 89 17.57 41.92 48.78
C LEU C 89 18.07 41.29 50.07
N LEU C 90 19.00 40.35 49.99
CA LEU C 90 19.62 39.85 51.22
C LEU C 90 20.42 40.94 51.92
N GLY C 91 20.48 40.89 53.25
CA GLY C 91 21.16 41.90 54.06
C GLY C 91 20.30 43.13 54.32
N THR C 92 19.15 43.14 53.66
CA THR C 92 18.26 44.27 53.64
C THR C 92 17.01 43.98 54.49
N GLN C 93 16.19 44.99 54.77
CA GLN C 93 14.94 44.76 55.49
C GLN C 93 13.72 44.43 54.61
N TYR C 94 13.93 43.90 53.41
CA TYR C 94 12.86 43.72 52.43
C TYR C 94 12.53 42.26 52.10
N ILE C 95 13.39 41.34 52.56
CA ILE C 95 13.11 39.91 52.64
C ILE C 95 13.86 39.38 53.84
N SER C 96 13.48 38.18 54.27
CA SER C 96 14.17 37.48 55.32
C SER C 96 14.89 36.28 54.70
N LYS C 97 15.82 35.69 55.45
CA LYS C 97 16.55 34.50 55.00
C LYS C 97 15.64 33.31 54.74
N GLN C 98 14.55 33.17 55.50
CA GLN C 98 13.60 32.08 55.20
C GLN C 98 12.86 32.37 53.90
N GLU C 99 12.35 33.58 53.75
CA GLU C 99 11.67 33.94 52.50
C GLU C 99 12.54 33.58 51.26
N TYR C 100 13.85 33.81 51.36
CA TYR C 100 14.81 33.40 50.34
C TYR C 100 14.92 31.86 50.22
N ASP C 101 15.01 31.16 51.36
CA ASP C 101 15.07 29.70 51.40
C ASP C 101 13.84 29.11 50.71
N GLN C 102 12.67 29.70 50.96
CA GLN C 102 11.45 29.22 50.33
C GLN C 102 11.51 29.37 48.83
N ALA C 103 12.12 30.47 48.37
CA ALA C 103 12.27 30.72 46.95
C ALA C 103 13.32 29.80 46.33
N LEU C 104 14.31 29.41 47.13
CA LEU C 104 15.38 28.53 46.71
C LEU C 104 14.84 27.11 46.56
N ALA C 105 14.00 26.71 47.51
CA ALA C 105 13.33 25.40 47.49
C ALA C 105 12.41 25.24 46.27
N ASP C 106 11.74 26.31 45.87
CA ASP C 106 10.81 26.27 44.74
C ASP C 106 11.56 26.09 43.43
N ALA C 107 12.66 26.84 43.28
CA ALA C 107 13.59 26.75 42.15
C ALA C 107 14.08 25.32 41.94
N GLN C 108 14.55 24.70 43.03
CA GLN C 108 15.01 23.31 42.98
C GLN C 108 13.88 22.32 42.71
N GLN C 109 12.70 22.63 43.27
CA GLN C 109 11.48 21.89 42.98
C GLN C 109 11.17 21.99 41.50
N ALA C 110 11.15 23.21 40.96
CA ALA C 110 10.82 23.40 39.55
C ALA C 110 11.90 22.87 38.61
N ASN C 111 13.15 22.81 39.08
CA ASN C 111 14.26 22.18 38.35
C ASN C 111 14.15 20.65 38.32
N ALA C 112 13.69 20.07 39.43
CA ALA C 112 13.46 18.63 39.53
C ALA C 112 12.34 18.23 38.54
N ALA C 113 11.32 19.07 38.46
CA ALA C 113 10.21 18.83 37.55
C ALA C 113 10.70 18.73 36.10
N VAL C 114 11.64 19.58 35.67
CA VAL C 114 12.18 19.48 34.30
C VAL C 114 13.05 18.23 34.11
N THR C 115 13.77 17.79 35.14
CA THR C 115 14.51 16.54 35.03
C THR C 115 13.56 15.38 34.70
N ALA C 116 12.44 15.37 35.42
CA ALA C 116 11.40 14.39 35.24
C ALA C 116 10.72 14.55 33.86
N ALA C 117 10.37 15.77 33.50
CA ALA C 117 9.74 16.04 32.19
C ALA C 117 10.61 15.59 31.01
N LYS C 118 11.91 15.83 31.09
CA LYS C 118 12.87 15.34 30.12
C LYS C 118 12.93 13.82 30.06
N ALA C 119 12.86 13.18 31.24
CA ALA C 119 12.77 11.73 31.32
C ALA C 119 11.46 11.28 30.67
N ALA C 120 10.35 11.94 31.03
CA ALA C 120 9.02 11.58 30.52
C ALA C 120 8.96 11.60 28.98
N VAL C 121 9.44 12.69 28.39
CA VAL C 121 9.56 12.86 26.95
C VAL C 121 10.33 11.67 26.35
N GLU C 122 11.52 11.41 26.91
CA GLU C 122 12.36 10.30 26.43
C GLU C 122 11.65 8.93 26.48
N THR C 123 10.92 8.61 27.55
CA THR C 123 10.12 7.39 27.60
C THR C 123 9.09 7.35 26.46
N ALA C 124 8.42 8.47 26.25
CA ALA C 124 7.36 8.54 25.24
C ALA C 124 7.91 8.30 23.85
N ARG C 125 9.03 8.93 23.51
CA ARG C 125 9.64 8.80 22.19
C ARG C 125 9.94 7.33 21.89
N ILE C 126 10.47 6.66 22.90
CA ILE C 126 10.87 5.26 22.80
C ILE C 126 9.65 4.35 22.62
N ASN C 127 8.59 4.60 23.40
CA ASN C 127 7.35 3.85 23.21
C ASN C 127 6.78 4.09 21.83
N LEU C 128 6.70 5.35 21.40
CA LEU C 128 6.33 5.63 20.01
C LEU C 128 7.21 4.83 19.04
N ALA C 129 8.51 4.82 19.29
CA ALA C 129 9.43 4.08 18.42
C ALA C 129 9.04 2.61 18.37
N TYR C 130 8.77 2.05 19.55
CA TYR C 130 8.44 0.64 19.64
C TYR C 130 7.07 0.22 19.16
N THR C 131 6.21 1.13 18.72
CA THR C 131 4.94 0.66 18.14
C THR C 131 5.18 -0.08 16.82
N LYS C 132 6.35 0.13 16.24
CA LYS C 132 6.86 -0.63 15.10
C LYS C 132 7.62 -1.86 15.65
N VAL C 133 7.03 -3.03 15.47
CA VAL C 133 7.55 -4.27 16.05
C VAL C 133 8.49 -4.96 15.06
N THR C 134 9.69 -5.28 15.50
CA THR C 134 10.67 -5.83 14.60
C THR C 134 11.34 -7.10 15.14
N SER C 135 12.12 -7.78 14.31
CA SER C 135 12.94 -8.92 14.70
C SER C 135 14.38 -8.46 14.84
N PRO C 136 15.09 -8.95 15.87
CA PRO C 136 16.47 -8.51 15.97
C PRO C 136 17.40 -9.23 14.97
N ILE C 137 16.92 -10.31 14.35
CA ILE C 137 17.71 -11.06 13.35
C ILE C 137 16.96 -11.16 12.03
N SER C 138 17.69 -11.42 10.94
CA SER C 138 17.08 -11.69 9.65
C SER C 138 16.84 -13.18 9.51
N GLY C 139 15.73 -13.57 8.89
CA GLY C 139 15.45 -15.00 8.74
C GLY C 139 14.09 -15.29 8.17
N ARG C 140 13.71 -16.57 8.18
CA ARG C 140 12.36 -16.96 7.75
C ARG C 140 11.41 -16.83 8.95
N ILE C 141 10.32 -16.12 8.73
CA ILE C 141 9.29 -15.96 9.75
C ILE C 141 8.22 -17.02 9.54
N GLY C 142 7.66 -17.53 10.63
CA GLY C 142 6.66 -18.59 10.56
C GLY C 142 5.26 -18.02 10.44
N LYS C 143 4.29 -18.74 11.02
CA LYS C 143 2.91 -18.29 11.15
C LYS C 143 2.88 -17.18 12.17
N SER C 144 1.95 -16.24 12.01
CA SER C 144 1.70 -15.21 12.99
C SER C 144 0.73 -15.78 14.02
N ASN C 145 1.01 -15.62 15.30
CA ASN C 145 0.15 -16.20 16.34
C ASN C 145 -0.97 -15.25 16.72
N VAL C 146 -1.06 -14.16 16.01
CA VAL C 146 -1.93 -13.08 16.40
C VAL C 146 -2.56 -12.54 15.12
N THR C 147 -3.85 -12.26 15.16
CA THR C 147 -4.58 -11.67 14.05
C THR C 147 -4.33 -10.18 13.97
N GLU C 148 -4.64 -9.55 12.84
CA GLU C 148 -4.69 -8.11 12.77
C GLU C 148 -5.83 -7.59 13.68
N GLY C 149 -5.64 -6.45 14.34
CA GLY C 149 -6.67 -5.90 15.23
C GLY C 149 -6.62 -6.52 16.61
N ALA C 150 -5.61 -7.37 16.83
CA ALA C 150 -5.37 -8.04 18.08
C ALA C 150 -4.88 -7.09 19.17
N LEU C 151 -5.32 -7.33 20.40
CA LEU C 151 -4.80 -6.64 21.58
C LEU C 151 -3.54 -7.37 22.03
N VAL C 152 -2.41 -6.67 22.00
CA VAL C 152 -1.16 -7.25 22.46
C VAL C 152 -0.74 -6.46 23.70
N GLN C 153 -0.05 -7.15 24.60
CA GLN C 153 0.44 -6.51 25.80
C GLN C 153 1.93 -6.72 26.01
N ASN C 154 2.60 -5.64 26.36
CA ASN C 154 4.00 -5.70 26.68
C ASN C 154 4.19 -6.72 27.80
N GLY C 155 5.03 -7.70 27.54
CA GLY C 155 5.35 -8.75 28.49
C GLY C 155 4.45 -9.97 28.47
N GLN C 156 3.60 -10.09 27.44
CA GLN C 156 2.71 -11.25 27.37
C GLN C 156 3.50 -12.55 27.12
N ALA C 157 2.92 -13.68 27.57
CA ALA C 157 3.61 -14.97 27.45
C ALA C 157 3.97 -15.33 26.00
N THR C 158 2.92 -15.49 25.19
CA THR C 158 3.07 -15.99 23.83
C THR C 158 3.68 -14.97 22.84
N ALA C 159 4.73 -15.39 22.16
CA ALA C 159 5.36 -14.63 21.08
C ALA C 159 4.38 -14.36 19.93
N LEU C 160 4.58 -13.26 19.20
CA LEU C 160 3.73 -12.95 18.03
C LEU C 160 4.09 -13.86 16.85
N ALA C 161 5.38 -14.12 16.71
CA ALA C 161 5.91 -14.94 15.62
C ALA C 161 7.36 -15.30 15.96
N THR C 162 7.92 -16.22 15.19
CA THR C 162 9.27 -16.69 15.38
C THR C 162 10.06 -16.56 14.09
N VAL C 163 11.27 -16.05 14.15
CA VAL C 163 12.08 -16.02 12.94
C VAL C 163 13.30 -16.90 13.17
N GLN C 164 13.66 -17.62 12.11
CA GLN C 164 14.74 -18.59 12.16
C GLN C 164 15.72 -18.24 11.06
N GLN C 165 16.98 -18.05 11.44
CA GLN C 165 18.01 -17.71 10.49
C GLN C 165 18.34 -18.98 9.71
N LEU C 166 18.35 -18.85 8.38
CA LEU C 166 18.67 -20.00 7.55
C LEU C 166 20.08 -20.03 6.98
N ASP C 167 20.77 -18.88 6.87
CA ASP C 167 21.83 -18.79 5.86
C ASP C 167 23.11 -19.53 6.17
N PRO C 168 23.67 -19.38 7.38
CA PRO C 168 24.37 -20.64 7.61
C PRO C 168 23.36 -21.57 8.32
N ILE C 169 23.43 -22.88 8.07
CA ILE C 169 22.55 -23.84 8.73
C ILE C 169 23.30 -24.97 9.40
N TYR C 170 22.84 -25.37 10.58
CA TYR C 170 23.44 -26.45 11.33
C TYR C 170 22.94 -27.80 10.84
N VAL C 171 23.81 -28.79 10.85
CA VAL C 171 23.40 -30.18 10.69
C VAL C 171 24.04 -30.99 11.82
N ASP C 172 23.20 -31.42 12.76
CA ASP C 172 23.63 -32.36 13.78
C ASP C 172 23.76 -33.69 13.09
N VAL C 173 24.86 -34.38 13.41
CA VAL C 173 25.24 -35.64 12.78
C VAL C 173 25.41 -36.76 13.82
N THR C 174 24.88 -37.96 13.55
CA THR C 174 25.05 -39.07 14.49
C THR C 174 25.83 -40.25 13.92
N GLN C 175 26.87 -40.65 14.65
CA GLN C 175 27.61 -41.86 14.33
C GLN C 175 27.34 -42.95 15.36
N SER C 176 26.99 -44.12 14.83
CA SER C 176 26.61 -45.26 15.63
C SER C 176 27.82 -45.95 16.25
N SER C 177 27.60 -46.74 17.30
CA SER C 177 28.72 -47.36 18.01
C SER C 177 29.37 -48.60 17.40
N ASN C 178 28.58 -49.58 16.93
CA ASN C 178 29.18 -50.84 16.45
C ASN C 178 29.97 -50.69 15.13
N ASP C 179 29.82 -49.52 14.52
CA ASP C 179 30.54 -49.15 13.31
C ASP C 179 31.23 -47.79 13.49
N MSE C 180 31.85 -47.63 14.66
CA MSE C 180 32.60 -46.42 14.98
C MSE C 180 33.93 -46.33 14.24
O MSE C 180 34.47 -45.24 14.00
CB MSE C 180 32.87 -46.35 16.49
CG MSE C 180 31.86 -45.50 17.24
SE MSE C 180 32.22 -43.56 17.18
CE MSE C 180 32.37 -43.14 15.25
N MSE C 181 34.41 -47.51 13.87
CA MSE C 181 35.71 -47.67 13.24
C MSE C 181 35.76 -47.10 11.83
O MSE C 181 36.80 -46.57 11.43
CB MSE C 181 36.11 -49.15 13.25
CG MSE C 181 37.56 -49.35 13.66
SE MSE C 181 37.83 -48.94 15.55
CE MSE C 181 37.99 -50.81 16.25
N ARG C 182 34.67 -47.21 11.08
CA ARG C 182 34.62 -46.70 9.71
C ARG C 182 35.11 -45.26 9.67
N LEU C 183 34.48 -44.42 10.50
CA LEU C 183 34.84 -43.02 10.64
C LEU C 183 36.30 -42.91 11.04
N LYS C 184 36.63 -43.52 12.16
CA LYS C 184 38.00 -43.49 12.66
C LYS C 184 39.06 -43.95 11.66
N GLN C 185 38.79 -45.01 10.91
CA GLN C 185 39.70 -45.51 9.87
C GLN C 185 39.87 -44.54 8.70
N GLU C 186 38.82 -43.79 8.43
CA GLU C 186 38.85 -42.71 7.43
C GLU C 186 39.66 -41.50 7.92
N LEU C 187 39.32 -41.00 9.10
CA LEU C 187 39.99 -39.84 9.69
C LEU C 187 41.47 -40.10 9.85
N ALA C 188 41.81 -41.27 10.40
CA ALA C 188 43.20 -41.65 10.60
C ALA C 188 43.88 -42.09 9.29
N ASN C 189 43.26 -41.78 8.16
CA ASN C 189 43.87 -42.04 6.88
C ASN C 189 44.43 -40.76 6.28
N GLY C 190 43.82 -39.64 6.66
CA GLY C 190 44.27 -38.29 6.30
C GLY C 190 44.40 -38.02 4.81
N THR C 191 43.32 -38.25 4.08
CA THR C 191 43.24 -37.90 2.67
C THR C 191 41.85 -37.29 2.48
N LEU C 192 41.57 -36.19 3.17
CA LEU C 192 40.24 -35.59 3.11
C LEU C 192 40.07 -34.17 3.66
N LYS C 193 40.55 -33.98 4.89
CA LYS C 193 40.09 -32.91 5.80
C LYS C 193 40.24 -31.45 5.36
N GLN C 194 41.13 -30.72 6.02
CA GLN C 194 41.58 -29.36 5.66
C GLN C 194 40.64 -28.18 5.92
N GLU C 195 40.87 -27.55 7.07
CA GLU C 195 40.37 -26.25 7.50
C GLU C 195 40.46 -26.36 9.00
N ASN C 196 41.63 -26.00 9.51
CA ASN C 196 42.03 -26.17 10.91
C ASN C 196 41.86 -27.64 11.33
N GLY C 197 41.16 -27.93 12.42
CA GLY C 197 41.04 -29.32 12.84
C GLY C 197 39.73 -29.94 12.40
N LYS C 198 39.19 -29.48 11.28
CA LYS C 198 37.84 -29.84 10.85
C LYS C 198 37.72 -30.41 9.44
N ALA C 199 36.80 -31.37 9.28
CA ALA C 199 36.56 -32.06 8.02
C ALA C 199 35.58 -31.33 7.14
N LYS C 200 35.75 -31.46 5.82
CA LYS C 200 34.82 -30.93 4.85
C LYS C 200 33.80 -32.00 4.55
N VAL C 201 32.55 -31.59 4.40
CA VAL C 201 31.45 -32.52 4.31
C VAL C 201 30.50 -32.03 3.24
N SER C 202 29.81 -32.96 2.57
CA SER C 202 28.76 -32.60 1.64
C SER C 202 27.41 -33.11 2.14
N LEU C 203 26.34 -32.50 1.66
CA LEU C 203 24.98 -32.88 2.04
C LEU C 203 24.34 -33.68 0.94
N ILE C 204 23.56 -34.67 1.34
CA ILE C 204 22.69 -35.43 0.43
C ILE C 204 21.30 -35.38 1.05
N THR C 205 20.40 -34.66 0.39
CA THR C 205 19.04 -34.45 0.89
C THR C 205 18.22 -35.74 0.88
N SER C 206 16.94 -35.62 1.22
CA SER C 206 16.02 -36.77 1.30
C SER C 206 16.05 -37.65 0.06
N ASP C 207 15.90 -37.05 -1.11
CA ASP C 207 15.80 -37.76 -2.39
C ASP C 207 17.10 -38.39 -2.90
N GLY C 208 18.24 -37.76 -2.60
CA GLY C 208 19.55 -38.24 -3.03
C GLY C 208 20.37 -37.27 -3.85
N ILE C 209 19.92 -36.01 -3.90
CA ILE C 209 20.58 -34.93 -4.64
C ILE C 209 21.59 -34.25 -3.71
N LYS C 210 22.78 -33.97 -4.24
CA LYS C 210 23.78 -33.22 -3.50
C LYS C 210 23.46 -31.73 -3.51
N PHE C 211 23.70 -31.10 -2.37
CA PHE C 211 23.54 -29.68 -2.13
C PHE C 211 24.73 -28.97 -2.77
N PRO C 212 24.49 -27.92 -3.57
CA PRO C 212 25.52 -27.19 -4.35
C PRO C 212 26.82 -26.83 -3.62
N GLN C 213 26.72 -26.48 -2.34
CA GLN C 213 27.88 -26.06 -1.54
C GLN C 213 28.21 -27.04 -0.41
N ASP C 214 29.48 -27.11 -0.04
CA ASP C 214 29.91 -28.00 1.04
C ASP C 214 30.08 -27.28 2.38
N GLY C 215 29.94 -28.06 3.46
CA GLY C 215 30.08 -27.58 4.82
C GLY C 215 31.30 -28.08 5.54
N THR C 216 31.27 -27.93 6.87
CA THR C 216 32.38 -28.21 7.76
C THR C 216 31.89 -28.99 8.97
N LEU C 217 32.60 -30.07 9.30
CA LEU C 217 32.26 -30.93 10.42
C LEU C 217 33.28 -30.82 11.55
N GLU C 218 32.88 -30.25 12.70
CA GLU C 218 33.75 -30.15 13.90
C GLU C 218 33.65 -31.41 14.74
N PHE C 219 34.73 -31.72 15.43
CA PHE C 219 34.86 -32.93 16.22
C PHE C 219 35.25 -32.60 17.64
N SER C 220 35.45 -31.32 17.92
CA SER C 220 35.96 -30.95 19.25
C SER C 220 34.87 -30.80 20.31
N ASP C 221 33.61 -30.87 19.87
CA ASP C 221 32.46 -30.79 20.78
C ASP C 221 31.49 -31.90 20.40
N VAL C 222 31.51 -32.96 21.21
CA VAL C 222 30.73 -34.16 20.92
C VAL C 222 29.75 -34.47 22.04
N THR C 223 28.82 -35.38 21.79
CA THR C 223 27.89 -35.83 22.82
C THR C 223 27.81 -37.35 22.78
N VAL C 224 28.40 -37.98 23.78
CA VAL C 224 28.52 -39.41 23.79
C VAL C 224 27.40 -40.00 24.65
N ASP C 225 26.31 -40.39 23.99
CA ASP C 225 25.17 -41.04 24.64
C ASP C 225 25.59 -42.26 25.44
N GLN C 226 25.31 -42.23 26.75
CA GLN C 226 25.87 -43.23 27.66
C GLN C 226 25.28 -44.64 27.54
N THR C 227 24.02 -44.73 27.09
CA THR C 227 23.31 -46.00 26.93
C THR C 227 23.73 -46.81 25.69
N THR C 228 24.10 -46.10 24.62
CA THR C 228 24.42 -46.76 23.33
C THR C 228 25.85 -46.55 22.85
N GLY C 229 26.47 -45.45 23.25
CA GLY C 229 27.82 -45.12 22.77
C GLY C 229 27.79 -44.36 21.46
N SER C 230 26.60 -43.90 21.06
CA SER C 230 26.44 -43.04 19.90
C SER C 230 27.23 -41.77 20.10
N ILE C 231 27.59 -41.12 19.00
CA ILE C 231 28.33 -39.86 19.00
C ILE C 231 27.52 -38.86 18.19
N THR C 232 27.34 -37.65 18.73
CA THR C 232 26.67 -36.59 18.00
C THR C 232 27.65 -35.45 17.76
N LEU C 233 27.61 -34.95 16.54
CA LEU C 233 28.58 -34.00 16.02
C LEU C 233 27.83 -32.93 15.28
N ARG C 234 28.45 -31.77 15.15
CA ARG C 234 27.78 -30.64 14.58
C ARG C 234 28.52 -30.20 13.33
N ALA C 235 27.77 -30.05 12.24
CA ALA C 235 28.30 -29.54 10.99
C ALA C 235 27.59 -28.22 10.68
N ILE C 236 28.18 -27.46 9.75
CA ILE C 236 27.59 -26.19 9.33
C ILE C 236 27.68 -26.01 7.81
N PHE C 237 26.57 -25.58 7.19
CA PHE C 237 26.54 -25.35 5.75
C PHE C 237 26.07 -23.95 5.42
N PRO C 238 26.69 -23.32 4.41
CA PRO C 238 26.07 -22.11 3.88
C PRO C 238 24.73 -22.48 3.24
N ASN C 239 23.82 -21.53 3.16
CA ASN C 239 22.51 -21.79 2.56
C ASN C 239 22.00 -20.55 1.80
N PRO C 240 22.79 -20.05 0.83
CA PRO C 240 22.51 -18.77 0.20
C PRO C 240 21.20 -18.74 -0.59
N ASP C 241 20.76 -19.89 -1.07
CA ASP C 241 19.50 -20.01 -1.81
C ASP C 241 18.30 -20.20 -0.90
N HIS C 242 18.55 -20.24 0.40
CA HIS C 242 17.51 -20.48 1.42
C HIS C 242 16.64 -21.69 1.07
N THR C 243 17.29 -22.78 0.70
CA THR C 243 16.61 -24.01 0.31
C THR C 243 16.47 -24.97 1.49
N MSE C 244 17.52 -25.09 2.30
CA MSE C 244 17.45 -25.90 3.50
C MSE C 244 16.56 -25.30 4.59
O MSE C 244 16.71 -24.14 4.96
CB MSE C 244 18.85 -26.17 4.06
CG MSE C 244 19.60 -27.33 3.41
SE MSE C 244 18.50 -28.94 3.39
CE MSE C 244 17.69 -28.87 1.57
N MSE C 245 15.61 -26.10 5.07
CA MSE C 245 14.74 -25.74 6.17
C MSE C 245 15.26 -26.41 7.43
O MSE C 245 15.95 -27.42 7.33
CB MSE C 245 13.35 -26.33 5.89
CG MSE C 245 12.58 -25.69 4.76
SE MSE C 245 12.23 -23.82 5.16
CE MSE C 245 11.18 -23.98 6.89
N PRO C 246 14.99 -25.86 8.62
CA PRO C 246 15.31 -26.62 9.83
C PRO C 246 14.35 -27.78 10.08
N GLY C 247 14.86 -28.81 10.77
CA GLY C 247 14.07 -29.96 11.19
C GLY C 247 13.95 -31.10 10.20
N MSE C 248 14.67 -31.01 9.09
CA MSE C 248 14.55 -32.07 8.10
C MSE C 248 15.74 -33.02 8.13
O MSE C 248 16.88 -32.60 8.26
CB MSE C 248 14.25 -31.51 6.70
CG MSE C 248 15.34 -30.67 6.05
SE MSE C 248 14.60 -29.69 4.53
CE MSE C 248 13.05 -30.83 4.00
N PHE C 249 15.42 -34.31 8.01
CA PHE C 249 16.43 -35.37 8.12
C PHE C 249 17.22 -35.45 6.81
N VAL C 250 18.55 -35.41 6.94
CA VAL C 250 19.44 -35.45 5.77
C VAL C 250 20.61 -36.41 5.99
N ARG C 251 21.59 -36.35 5.08
CA ARG C 251 22.76 -37.22 5.11
C ARG C 251 24.00 -36.47 4.66
N ALA C 252 25.04 -36.52 5.48
CA ALA C 252 26.29 -35.81 5.19
C ALA C 252 27.45 -36.78 5.06
N ARG C 253 28.25 -36.60 4.02
CA ARG C 253 29.41 -37.48 3.82
C ARG C 253 30.72 -36.71 3.61
N LEU C 254 31.83 -37.38 3.93
CA LEU C 254 33.14 -36.76 4.01
C LEU C 254 33.83 -36.63 2.65
N GLU C 255 34.49 -35.50 2.43
CA GLU C 255 35.13 -35.16 1.15
C GLU C 255 36.58 -35.63 1.08
N GLU C 256 36.84 -36.64 0.25
CA GLU C 256 38.20 -37.13 0.05
C GLU C 256 38.92 -36.30 -1.00
N THR D 11 -2.99 -37.42 -8.95
CA THR D 11 -2.45 -37.20 -7.57
C THR D 11 -3.20 -36.06 -6.86
N GLU D 12 -3.73 -36.38 -5.69
CA GLU D 12 -4.41 -35.41 -4.83
C GLU D 12 -3.72 -35.35 -3.48
N LEU D 13 -3.93 -34.24 -2.78
CA LEU D 13 -3.33 -33.98 -1.47
C LEU D 13 -4.39 -33.47 -0.50
N PRO D 14 -4.51 -34.11 0.68
CA PRO D 14 -5.52 -33.74 1.68
C PRO D 14 -5.19 -32.41 2.34
N GLY D 15 -5.90 -31.36 1.93
CA GLY D 15 -5.65 -30.03 2.45
C GLY D 15 -6.79 -29.45 3.26
N ARG D 16 -6.55 -28.26 3.80
CA ARG D 16 -7.53 -27.53 4.59
C ARG D 16 -7.39 -26.04 4.24
N THR D 17 -8.53 -25.36 4.23
CA THR D 17 -8.62 -23.98 3.82
C THR D 17 -8.44 -23.04 5.01
N SER D 18 -7.52 -22.09 4.89
CA SER D 18 -7.37 -21.08 5.93
C SER D 18 -7.47 -19.67 5.35
N ALA D 19 -7.88 -18.72 6.17
CA ALA D 19 -8.08 -17.33 5.75
C ALA D 19 -6.79 -16.65 5.32
N TYR D 20 -6.94 -15.71 4.40
CA TYR D 20 -5.83 -14.87 3.95
C TYR D 20 -5.50 -13.86 5.05
N ARG D 21 -6.51 -13.18 5.61
CA ARG D 21 -6.29 -12.20 6.68
C ARG D 21 -7.44 -12.22 7.69
N ILE D 22 -7.09 -12.08 8.96
CA ILE D 22 -8.07 -12.05 10.02
C ILE D 22 -7.81 -10.82 10.89
N ALA D 23 -8.88 -10.14 11.26
CA ALA D 23 -8.78 -8.98 12.13
C ALA D 23 -9.86 -9.01 13.20
N GLU D 24 -9.47 -8.70 14.44
CA GLU D 24 -10.43 -8.53 15.52
C GLU D 24 -10.89 -7.09 15.57
N VAL D 25 -12.16 -6.88 15.86
CA VAL D 25 -12.72 -5.54 16.00
C VAL D 25 -12.75 -5.22 17.50
N ARG D 26 -11.99 -4.19 17.88
CA ARG D 26 -11.79 -3.82 19.28
C ARG D 26 -11.96 -2.33 19.55
N PRO D 27 -12.53 -1.95 20.71
CA PRO D 27 -12.69 -0.52 21.00
C PRO D 27 -11.40 0.02 21.56
N GLN D 28 -11.04 1.23 21.14
CA GLN D 28 -9.83 1.82 21.68
C GLN D 28 -10.20 2.97 22.61
N VAL D 29 -11.49 3.00 22.92
CA VAL D 29 -12.02 4.02 23.80
C VAL D 29 -13.22 3.39 24.50
N SER D 30 -13.41 3.71 25.78
CA SER D 30 -14.50 3.13 26.59
C SER D 30 -15.80 3.91 26.45
N GLY D 31 -16.93 3.24 26.67
CA GLY D 31 -18.23 3.89 26.60
C GLY D 31 -19.33 2.90 26.23
N ILE D 32 -20.50 3.44 25.93
CA ILE D 32 -21.68 2.63 25.60
C ILE D 32 -21.86 2.54 24.10
N ILE D 33 -22.11 1.32 23.61
CA ILE D 33 -22.38 1.10 22.20
C ILE D 33 -23.74 1.68 21.87
N LEU D 34 -23.74 2.76 21.08
CA LEU D 34 -24.98 3.41 20.70
C LEU D 34 -25.66 2.67 19.55
N LYS D 35 -24.90 2.20 18.57
CA LYS D 35 -25.49 1.46 17.45
C LYS D 35 -24.49 0.47 16.82
N ARG D 36 -25.03 -0.64 16.30
CA ARG D 36 -24.27 -1.59 15.51
C ARG D 36 -24.66 -1.34 14.06
N ASN D 37 -23.69 -1.19 13.18
CA ASN D 37 -23.99 -0.76 11.82
C ASN D 37 -23.90 -1.85 10.74
N PHE D 38 -23.57 -3.07 11.17
CA PHE D 38 -23.46 -4.20 10.25
C PHE D 38 -24.47 -5.30 10.57
N LYS D 39 -24.88 -6.05 9.55
CA LYS D 39 -25.57 -7.30 9.80
C LYS D 39 -24.49 -8.37 10.01
N GLU D 40 -24.79 -9.30 10.90
CA GLU D 40 -23.86 -10.36 11.24
C GLU D 40 -23.79 -11.33 10.09
N GLY D 41 -22.58 -11.66 9.66
CA GLY D 41 -22.36 -12.55 8.53
C GLY D 41 -22.28 -11.81 7.20
N SER D 42 -22.25 -10.48 7.25
CA SER D 42 -22.21 -9.68 6.03
C SER D 42 -20.80 -9.26 5.63
N ASP D 43 -20.64 -8.83 4.38
CA ASP D 43 -19.36 -8.33 3.87
C ASP D 43 -19.16 -6.84 4.21
N ILE D 44 -17.98 -6.54 4.72
CA ILE D 44 -17.66 -5.27 5.36
C ILE D 44 -16.45 -4.62 4.68
N GLU D 45 -16.40 -3.29 4.68
CA GLU D 45 -15.27 -2.58 4.12
C GLU D 45 -14.40 -1.98 5.22
N ALA D 46 -13.08 -2.07 5.06
CA ALA D 46 -12.12 -1.47 6.02
C ALA D 46 -12.40 0.01 6.25
N GLY D 47 -12.31 0.46 7.50
CA GLY D 47 -12.54 1.88 7.83
C GLY D 47 -13.98 2.38 7.94
N VAL D 48 -14.95 1.54 7.54
CA VAL D 48 -16.38 1.79 7.72
C VAL D 48 -16.72 1.66 9.21
N SER D 49 -17.59 2.52 9.70
CA SER D 49 -18.05 2.47 11.08
C SER D 49 -18.87 1.20 11.31
N LEU D 50 -18.34 0.31 12.15
CA LEU D 50 -19.00 -0.95 12.46
C LEU D 50 -19.87 -0.78 13.71
N TYR D 51 -19.32 -0.11 14.72
CA TYR D 51 -20.07 0.28 15.92
C TYR D 51 -19.86 1.76 16.20
N GLN D 52 -20.91 2.44 16.64
CA GLN D 52 -20.79 3.79 17.17
C GLN D 52 -20.90 3.76 18.69
N ILE D 53 -19.82 4.14 19.37
CA ILE D 53 -19.81 4.35 20.81
C ILE D 53 -20.38 5.74 21.03
N ASP D 54 -21.20 5.92 22.08
CA ASP D 54 -21.72 7.23 22.48
C ASP D 54 -20.59 8.26 22.56
N PRO D 55 -20.60 9.28 21.69
CA PRO D 55 -19.53 10.26 21.59
C PRO D 55 -19.70 11.58 22.36
N ALA D 56 -20.78 11.71 23.13
CA ALA D 56 -21.14 12.99 23.76
C ALA D 56 -20.03 13.61 24.59
N THR D 57 -19.60 12.89 25.64
CA THR D 57 -18.52 13.35 26.51
C THR D 57 -17.24 13.59 25.72
N TYR D 58 -16.94 12.69 24.78
CA TYR D 58 -15.76 12.85 23.95
C TYR D 58 -15.80 14.09 23.07
N GLN D 59 -16.98 14.35 22.48
CA GLN D 59 -17.19 15.51 21.64
C GLN D 59 -16.94 16.73 22.51
N ALA D 60 -17.61 16.79 23.66
CA ALA D 60 -17.50 17.92 24.60
C ALA D 60 -16.06 18.19 25.02
N THR D 61 -15.32 17.14 25.38
CA THR D 61 -13.90 17.24 25.72
C THR D 61 -13.18 17.95 24.57
N TYR D 62 -13.27 17.39 23.36
CA TYR D 62 -12.69 17.95 22.13
C TYR D 62 -13.04 19.43 21.88
N ASP D 63 -14.33 19.75 21.75
CA ASP D 63 -14.79 21.13 21.56
C ASP D 63 -14.10 22.04 22.58
N SER D 64 -14.16 21.59 23.84
CA SER D 64 -13.64 22.28 25.02
C SER D 64 -12.16 22.49 24.86
N ALA D 65 -11.46 21.42 24.46
CA ALA D 65 -10.00 21.39 24.32
C ALA D 65 -9.47 22.40 23.31
N LYS D 66 -10.24 22.66 22.26
CA LYS D 66 -9.81 23.63 21.23
C LYS D 66 -10.33 25.05 21.47
N GLY D 67 -11.23 25.19 22.43
CA GLY D 67 -11.59 26.50 22.96
C GLY D 67 -10.39 26.98 23.77
N ASP D 68 -9.75 26.04 24.48
CA ASP D 68 -8.59 26.33 25.30
C ASP D 68 -7.37 26.70 24.49
N LEU D 69 -7.22 26.11 23.30
CA LEU D 69 -6.11 26.46 22.43
C LEU D 69 -6.25 27.88 21.87
N ALA D 70 -7.42 28.19 21.33
CA ALA D 70 -7.72 29.52 20.82
C ALA D 70 -7.42 30.57 21.88
N LYS D 71 -7.81 30.29 23.13
CA LYS D 71 -7.62 31.22 24.23
C LYS D 71 -6.17 31.22 24.67
N ALA D 72 -5.51 30.06 24.56
CA ALA D 72 -4.10 29.99 24.91
C ALA D 72 -3.28 30.86 23.95
N GLN D 73 -3.52 30.69 22.65
CA GLN D 73 -2.77 31.44 21.63
C GLN D 73 -3.15 32.91 21.57
N ALA D 74 -4.24 33.26 22.22
CA ALA D 74 -4.66 34.65 22.39
C ALA D 74 -3.81 35.31 23.49
N ALA D 75 -3.57 34.55 24.56
CA ALA D 75 -2.66 34.95 25.63
C ALA D 75 -1.24 35.10 25.09
N ALA D 76 -0.80 34.11 24.32
CA ALA D 76 0.54 34.08 23.73
C ALA D 76 0.83 35.27 22.82
N ASN D 77 -0.17 35.70 22.05
CA ASN D 77 -0.02 36.84 21.15
C ASN D 77 0.09 38.12 21.95
N ILE D 78 -0.89 38.34 22.84
CA ILE D 78 -0.93 39.49 23.74
C ILE D 78 0.41 39.58 24.49
N ALA D 79 0.95 38.43 24.90
CA ALA D 79 2.24 38.38 25.58
C ALA D 79 3.43 38.57 24.64
N GLN D 80 3.26 38.21 23.37
CA GLN D 80 4.31 38.36 22.37
C GLN D 80 4.44 39.82 21.91
N LEU D 81 3.32 40.52 21.88
CA LEU D 81 3.28 41.94 21.52
C LEU D 81 3.94 42.82 22.58
N THR D 82 3.81 42.45 23.85
CA THR D 82 4.43 43.26 24.90
C THR D 82 5.94 42.94 25.00
N VAL D 83 6.36 41.86 24.36
CA VAL D 83 7.78 41.55 24.21
C VAL D 83 8.37 42.45 23.12
N ASN D 84 7.70 42.51 21.96
CA ASN D 84 8.11 43.36 20.84
C ASN D 84 8.35 44.81 21.27
N ARG D 85 7.38 45.39 21.96
CA ARG D 85 7.47 46.73 22.54
C ARG D 85 8.80 47.00 23.21
N TYR D 86 9.17 46.13 24.14
CA TYR D 86 10.38 46.28 24.95
C TYR D 86 11.65 46.22 24.09
N GLN D 87 11.64 45.37 23.07
CA GLN D 87 12.73 45.27 22.11
C GLN D 87 12.85 46.52 21.24
N LYS D 88 11.71 47.14 20.92
CA LYS D 88 11.69 48.40 20.19
C LYS D 88 12.10 49.54 21.12
N LEU D 89 11.90 49.32 22.42
CA LEU D 89 12.32 50.27 23.43
C LEU D 89 13.62 49.83 24.10
N LEU D 90 14.40 49.00 23.42
CA LEU D 90 15.67 48.49 23.97
C LEU D 90 16.73 49.58 24.13
N GLY D 91 16.52 50.69 23.42
CA GLY D 91 17.40 51.87 23.47
C GLY D 91 17.33 52.60 24.80
N THR D 92 17.12 53.92 24.77
CA THR D 92 17.07 54.76 25.98
C THR D 92 16.28 54.06 27.08
N GLN D 93 16.88 54.01 28.27
CA GLN D 93 16.49 53.11 29.37
C GLN D 93 15.02 53.19 29.81
N TYR D 94 14.15 52.56 29.02
CA TYR D 94 12.75 52.39 29.37
C TYR D 94 12.50 50.88 29.49
N ILE D 95 13.60 50.15 29.70
CA ILE D 95 13.59 48.72 29.98
C ILE D 95 14.46 48.47 31.21
N SER D 96 13.82 48.06 32.31
CA SER D 96 14.57 47.64 33.49
C SER D 96 15.15 46.26 33.21
N LYS D 97 16.42 46.09 33.58
CA LYS D 97 17.16 44.85 33.44
C LYS D 97 16.24 43.64 33.65
N GLN D 98 15.51 43.68 34.77
CA GLN D 98 14.63 42.62 35.21
C GLN D 98 13.23 42.67 34.59
N GLU D 99 12.80 43.82 34.10
CA GLU D 99 11.47 43.96 33.49
C GLU D 99 11.37 43.28 32.12
N TYR D 100 12.46 43.35 31.37
CA TYR D 100 12.53 42.75 30.05
C TYR D 100 12.44 41.24 30.20
N ASP D 101 13.17 40.71 31.19
CA ASP D 101 13.18 39.28 31.50
C ASP D 101 11.82 38.75 31.94
N GLN D 102 11.06 39.58 32.66
CA GLN D 102 9.67 39.30 33.01
C GLN D 102 8.82 39.03 31.78
N ALA D 103 8.76 40.00 30.88
CA ALA D 103 7.98 39.90 29.64
C ALA D 103 8.42 38.70 28.81
N LEU D 104 9.73 38.47 28.77
CA LEU D 104 10.35 37.38 28.04
C LEU D 104 9.94 36.03 28.64
N ALA D 105 9.90 36.00 29.97
CA ALA D 105 9.49 34.80 30.70
C ALA D 105 7.97 34.61 30.69
N ASP D 106 7.20 35.70 30.67
CA ASP D 106 5.73 35.60 30.55
C ASP D 106 5.30 35.04 29.20
N ALA D 107 6.12 35.27 28.17
CA ALA D 107 5.85 34.79 26.82
C ALA D 107 6.23 33.34 26.72
N GLN D 108 7.29 32.94 27.42
CA GLN D 108 7.73 31.55 27.38
C GLN D 108 6.63 30.66 27.95
N GLN D 109 6.16 31.05 29.14
CA GLN D 109 5.00 30.44 29.80
C GLN D 109 3.79 30.43 28.86
N ALA D 110 3.47 31.58 28.26
CA ALA D 110 2.32 31.69 27.37
C ALA D 110 2.46 30.82 26.13
N ASN D 111 3.70 30.68 25.65
CA ASN D 111 4.06 29.79 24.56
C ASN D 111 3.92 28.33 24.96
N ALA D 112 4.41 28.01 26.16
CA ALA D 112 4.25 26.68 26.76
C ALA D 112 2.78 26.26 26.80
N ALA D 113 1.92 27.12 27.32
CA ALA D 113 0.46 26.94 27.33
C ALA D 113 -0.11 26.53 25.97
N VAL D 114 0.37 27.16 24.90
CA VAL D 114 -0.01 26.80 23.55
C VAL D 114 0.41 25.35 23.26
N THR D 115 1.65 25.02 23.58
CA THR D 115 2.16 23.67 23.27
C THR D 115 1.26 22.64 23.97
N ALA D 116 0.99 22.83 25.26
CA ALA D 116 0.11 21.90 25.99
C ALA D 116 -1.29 21.85 25.37
N ALA D 117 -1.85 23.03 25.06
CA ALA D 117 -3.21 23.10 24.52
C ALA D 117 -3.31 22.26 23.25
N LYS D 118 -2.29 22.40 22.38
CA LYS D 118 -2.21 21.70 21.11
C LYS D 118 -2.27 20.19 21.27
N ALA D 119 -1.55 19.67 22.27
CA ALA D 119 -1.49 18.24 22.55
C ALA D 119 -2.82 17.78 23.18
N ALA D 120 -3.42 18.67 23.97
CA ALA D 120 -4.72 18.37 24.59
C ALA D 120 -5.80 18.18 23.52
N VAL D 121 -5.75 18.99 22.47
CA VAL D 121 -6.67 18.87 21.34
C VAL D 121 -6.44 17.54 20.61
N GLU D 122 -5.17 17.21 20.38
CA GLU D 122 -4.81 16.00 19.68
C GLU D 122 -5.31 14.77 20.45
N THR D 123 -5.10 14.80 21.77
CA THR D 123 -5.53 13.72 22.65
C THR D 123 -7.06 13.57 22.61
N ALA D 124 -7.77 14.68 22.53
CA ALA D 124 -9.23 14.65 22.46
C ALA D 124 -9.74 14.17 21.10
N ARG D 125 -9.02 14.56 20.04
CA ARG D 125 -9.44 14.31 18.67
C ARG D 125 -9.33 12.83 18.40
N ILE D 126 -8.25 12.24 18.91
CA ILE D 126 -7.95 10.81 18.76
C ILE D 126 -9.05 9.99 19.41
N ASN D 127 -9.40 10.33 20.65
CA ASN D 127 -10.46 9.64 21.40
C ASN D 127 -11.83 9.74 20.75
N LEU D 128 -12.24 10.94 20.34
CA LEU D 128 -13.47 11.10 19.59
C LEU D 128 -13.51 10.23 18.32
N ALA D 129 -12.41 10.18 17.58
CA ALA D 129 -12.36 9.39 16.36
C ALA D 129 -12.49 7.89 16.66
N TYR D 130 -11.99 7.44 17.81
CA TYR D 130 -12.13 6.03 18.20
C TYR D 130 -13.54 5.61 18.60
N THR D 131 -14.46 6.56 18.67
CA THR D 131 -15.85 6.19 18.95
C THR D 131 -16.50 5.58 17.70
N LYS D 132 -15.92 5.80 16.52
CA LYS D 132 -16.30 5.08 15.32
C LYS D 132 -15.40 3.84 15.25
N VAL D 133 -15.94 2.70 15.69
CA VAL D 133 -15.16 1.45 15.71
C VAL D 133 -15.15 0.82 14.33
N THR D 134 -13.95 0.50 13.87
CA THR D 134 -13.78 -0.03 12.51
C THR D 134 -12.90 -1.28 12.51
N SER D 135 -12.89 -1.98 11.37
CA SER D 135 -11.95 -3.07 11.12
C SER D 135 -10.81 -2.58 10.24
N PRO D 136 -9.57 -3.03 10.54
CA PRO D 136 -8.43 -2.67 9.71
C PRO D 136 -8.45 -3.30 8.32
N ILE D 137 -9.17 -4.41 8.15
CA ILE D 137 -9.26 -5.12 6.87
C ILE D 137 -10.70 -5.23 6.36
N SER D 138 -10.88 -5.49 5.06
CA SER D 138 -12.20 -5.79 4.51
C SER D 138 -12.44 -7.29 4.59
N GLY D 139 -13.67 -7.71 4.82
CA GLY D 139 -13.94 -9.14 4.92
C GLY D 139 -15.34 -9.47 5.40
N ARG D 140 -15.56 -10.76 5.70
CA ARG D 140 -16.79 -11.26 6.28
C ARG D 140 -16.74 -11.10 7.80
N ILE D 141 -17.72 -10.39 8.34
CA ILE D 141 -17.83 -10.21 9.79
C ILE D 141 -18.71 -11.35 10.37
N GLY D 142 -18.35 -11.84 11.56
CA GLY D 142 -19.11 -12.91 12.19
C GLY D 142 -20.26 -12.40 13.04
N LYS D 143 -20.58 -13.15 14.11
CA LYS D 143 -21.56 -12.68 15.09
C LYS D 143 -20.91 -11.58 15.93
N SER D 144 -21.74 -10.67 16.44
CA SER D 144 -21.30 -9.61 17.34
C SER D 144 -21.31 -10.19 18.75
N ASN D 145 -20.22 -10.00 19.49
CA ASN D 145 -20.09 -10.52 20.86
C ASN D 145 -20.70 -9.60 21.92
N VAL D 146 -21.26 -8.49 21.45
CA VAL D 146 -21.76 -7.42 22.30
C VAL D 146 -23.08 -6.93 21.75
N THR D 147 -24.05 -6.70 22.63
CA THR D 147 -25.33 -6.18 22.18
C THR D 147 -25.28 -4.66 22.15
N GLU D 148 -26.26 -4.05 21.49
CA GLU D 148 -26.40 -2.59 21.52
C GLU D 148 -26.69 -2.14 22.94
N GLY D 149 -26.15 -0.99 23.31
CA GLY D 149 -26.30 -0.48 24.67
C GLY D 149 -25.32 -1.10 25.65
N ALA D 150 -24.37 -1.90 25.14
CA ALA D 150 -23.38 -2.53 26.01
C ALA D 150 -22.25 -1.57 26.38
N LEU D 151 -21.71 -1.75 27.58
CA LEU D 151 -20.52 -1.00 27.96
C LEU D 151 -19.29 -1.76 27.50
N VAL D 152 -18.52 -1.07 26.67
CA VAL D 152 -17.23 -1.57 26.19
C VAL D 152 -16.13 -0.77 26.87
N GLN D 153 -15.00 -1.42 27.11
CA GLN D 153 -13.87 -0.77 27.77
C GLN D 153 -12.62 -0.88 26.91
N ASN D 154 -11.91 0.24 26.77
CA ASN D 154 -10.62 0.24 26.10
C ASN D 154 -9.71 -0.78 26.78
N GLY D 155 -9.23 -1.75 26.02
CA GLY D 155 -8.31 -2.77 26.52
C GLY D 155 -8.95 -4.03 27.08
N GLN D 156 -10.27 -4.18 26.91
CA GLN D 156 -10.99 -5.36 27.35
C GLN D 156 -10.49 -6.63 26.63
N ALA D 157 -10.59 -7.78 27.31
CA ALA D 157 -10.13 -9.05 26.76
C ALA D 157 -10.85 -9.49 25.48
N THR D 158 -12.16 -9.68 25.53
CA THR D 158 -12.87 -10.23 24.38
C THR D 158 -13.14 -9.18 23.30
N ALA D 159 -12.85 -9.58 22.06
CA ALA D 159 -13.13 -8.80 20.86
C ALA D 159 -14.62 -8.63 20.66
N LEU D 160 -15.00 -7.53 20.01
CA LEU D 160 -16.40 -7.25 19.73
C LEU D 160 -16.94 -8.14 18.60
N ALA D 161 -16.09 -8.36 17.60
CA ALA D 161 -16.39 -9.17 16.42
C ALA D 161 -15.09 -9.54 15.72
N THR D 162 -15.16 -10.46 14.78
CA THR D 162 -14.00 -10.89 14.02
C THR D 162 -14.33 -10.80 12.53
N VAL D 163 -13.41 -10.23 11.75
CA VAL D 163 -13.58 -10.22 10.30
C VAL D 163 -12.53 -11.09 9.63
N GLN D 164 -12.97 -11.84 8.64
CA GLN D 164 -12.10 -12.72 7.89
C GLN D 164 -12.11 -12.31 6.43
N GLN D 165 -10.93 -12.10 5.85
CA GLN D 165 -10.84 -11.80 4.43
C GLN D 165 -11.03 -13.09 3.63
N LEU D 166 -11.86 -13.07 2.61
CA LEU D 166 -12.08 -14.29 1.85
C LEU D 166 -11.43 -14.33 0.48
N ASP D 167 -11.35 -13.19 -0.23
CA ASP D 167 -11.16 -13.19 -1.70
C ASP D 167 -9.95 -13.92 -2.20
N PRO D 168 -8.75 -13.60 -1.70
CA PRO D 168 -7.81 -14.70 -1.95
C PRO D 168 -7.92 -15.70 -0.79
N ILE D 169 -7.89 -16.99 -1.07
CA ILE D 169 -7.97 -17.97 0.03
C ILE D 169 -6.82 -18.97 0.01
N TYR D 170 -6.23 -19.25 1.17
CA TYR D 170 -5.17 -20.25 1.23
C TYR D 170 -5.72 -21.69 1.26
N VAL D 171 -4.92 -22.64 0.74
CA VAL D 171 -5.18 -24.06 0.97
C VAL D 171 -3.89 -24.66 1.51
N ASP D 172 -3.91 -25.06 2.77
CA ASP D 172 -2.75 -25.66 3.40
C ASP D 172 -2.82 -27.18 3.29
N VAL D 173 -1.73 -27.78 2.86
CA VAL D 173 -1.69 -29.23 2.64
C VAL D 173 -0.59 -29.89 3.46
N THR D 174 -0.89 -31.07 4.00
CA THR D 174 0.05 -31.79 4.86
C THR D 174 0.39 -33.17 4.29
N GLN D 175 1.69 -33.43 4.15
CA GLN D 175 2.22 -34.75 3.75
C GLN D 175 3.64 -34.95 4.32
N SER D 176 4.40 -35.92 3.82
CA SER D 176 5.81 -36.07 4.22
C SER D 176 6.67 -36.69 3.12
N GLY D 197 6.73 -19.83 -12.25
CA GLY D 197 7.66 -20.57 -11.31
C GLY D 197 6.95 -21.42 -10.27
N LYS D 198 5.63 -21.27 -10.18
CA LYS D 198 4.79 -22.01 -9.23
C LYS D 198 4.00 -23.11 -9.94
N ALA D 199 3.44 -24.03 -9.17
CA ALA D 199 2.64 -25.13 -9.71
C ALA D 199 1.17 -24.73 -9.86
N LYS D 200 0.48 -25.36 -10.81
CA LYS D 200 -0.97 -25.18 -11.03
C LYS D 200 -1.72 -26.13 -10.10
N VAL D 201 -2.64 -25.58 -9.32
CA VAL D 201 -3.37 -26.38 -8.35
C VAL D 201 -4.86 -26.18 -8.55
N SER D 202 -5.63 -27.25 -8.40
CA SER D 202 -7.09 -27.11 -8.39
C SER D 202 -7.73 -27.74 -7.15
N LEU D 203 -8.93 -27.26 -6.82
CA LEU D 203 -9.66 -27.65 -5.63
C LEU D 203 -10.84 -28.57 -5.89
N ILE D 204 -10.90 -29.67 -5.14
CA ILE D 204 -12.09 -30.51 -5.16
C ILE D 204 -12.71 -30.38 -3.79
N THR D 205 -13.96 -29.92 -3.77
CA THR D 205 -14.69 -29.71 -2.54
C THR D 205 -15.03 -31.06 -1.91
N SER D 206 -15.41 -31.03 -0.64
CA SER D 206 -15.79 -32.24 0.10
C SER D 206 -16.95 -33.02 -0.51
N ASP D 207 -17.80 -32.34 -1.28
CA ASP D 207 -18.96 -32.98 -1.91
C ASP D 207 -18.69 -33.66 -3.26
N GLY D 208 -17.61 -33.26 -3.93
CA GLY D 208 -17.21 -33.91 -5.18
C GLY D 208 -16.99 -32.98 -6.36
N ILE D 209 -17.61 -31.75 -6.25
CA ILE D 209 -17.51 -30.77 -7.33
C ILE D 209 -16.20 -29.96 -7.28
N LYS D 210 -15.67 -29.69 -8.46
CA LYS D 210 -14.45 -28.91 -8.62
C LYS D 210 -14.74 -27.41 -8.58
N PHE D 211 -14.14 -26.75 -7.59
CA PHE D 211 -14.24 -25.30 -7.40
C PHE D 211 -13.71 -24.58 -8.64
N PRO D 212 -14.50 -23.68 -9.22
CA PRO D 212 -14.23 -23.06 -10.53
C PRO D 212 -12.82 -22.52 -10.73
N GLN D 213 -12.46 -21.38 -10.15
CA GLN D 213 -11.11 -20.85 -10.30
C GLN D 213 -10.06 -21.75 -9.65
N ASP D 214 -8.89 -21.80 -10.26
CA ASP D 214 -7.78 -22.57 -9.70
C ASP D 214 -6.52 -21.72 -9.52
N GLY D 215 -5.78 -22.01 -8.47
CA GLY D 215 -4.68 -21.16 -8.01
C GLY D 215 -3.29 -21.71 -8.20
N THR D 216 -2.37 -21.22 -7.37
CA THR D 216 -0.95 -21.51 -7.50
C THR D 216 -0.29 -21.93 -6.19
N LEU D 217 0.85 -22.62 -6.30
CA LEU D 217 1.57 -23.15 -5.15
C LEU D 217 3.03 -22.67 -5.08
N GLU D 218 3.35 -21.93 -4.03
CA GLU D 218 4.73 -21.51 -3.76
C GLU D 218 5.53 -22.63 -3.09
N PHE D 219 6.58 -23.07 -3.77
CA PHE D 219 7.44 -24.15 -3.28
C PHE D 219 8.64 -23.66 -2.47
N SER D 220 8.97 -22.37 -2.59
CA SER D 220 10.01 -21.73 -1.79
C SER D 220 9.44 -21.55 -0.39
N ASP D 221 8.15 -21.21 -0.35
CA ASP D 221 7.35 -21.07 0.85
C ASP D 221 6.97 -22.48 1.33
N VAL D 222 7.78 -23.01 2.25
CA VAL D 222 7.56 -24.33 2.84
C VAL D 222 7.65 -24.22 4.36
N THR D 223 6.69 -24.81 5.05
CA THR D 223 6.64 -24.82 6.51
C THR D 223 6.80 -26.26 6.95
N VAL D 224 8.00 -26.62 7.39
CA VAL D 224 8.26 -27.98 7.89
C VAL D 224 8.21 -28.06 9.42
N ASP D 225 7.42 -27.16 10.01
CA ASP D 225 7.33 -26.99 11.46
C ASP D 225 7.08 -28.27 12.26
N GLN D 226 7.50 -28.23 13.53
CA GLN D 226 7.55 -29.41 14.39
C GLN D 226 6.21 -29.94 14.93
N THR D 227 5.32 -30.32 14.00
CA THR D 227 4.21 -31.20 14.36
C THR D 227 4.77 -32.59 14.09
N THR D 228 5.84 -32.88 14.85
CA THR D 228 6.70 -34.08 14.72
C THR D 228 6.91 -34.59 13.28
N GLY D 229 7.69 -33.84 12.51
CA GLY D 229 8.08 -34.24 11.16
C GLY D 229 7.07 -33.95 10.07
N SER D 230 6.05 -33.18 10.43
CA SER D 230 5.00 -32.77 9.50
C SER D 230 5.54 -31.76 8.48
N ILE D 231 5.11 -31.90 7.23
CA ILE D 231 5.52 -31.02 6.13
C ILE D 231 4.31 -30.37 5.48
N THR D 232 4.33 -29.04 5.38
CA THR D 232 3.17 -28.27 4.93
C THR D 232 3.48 -27.26 3.82
N LEU D 233 2.68 -27.30 2.77
CA LEU D 233 2.77 -26.32 1.68
C LEU D 233 1.53 -25.43 1.67
N ARG D 234 1.74 -24.15 1.38
CA ARG D 234 0.67 -23.16 1.35
C ARG D 234 0.36 -22.79 -0.10
N ALA D 235 -0.89 -23.00 -0.50
CA ALA D 235 -1.39 -22.70 -1.85
C ALA D 235 -2.36 -21.53 -1.81
N ILE D 236 -2.56 -20.86 -2.94
CA ILE D 236 -3.37 -19.65 -2.95
C ILE D 236 -4.34 -19.64 -4.12
N PHE D 237 -5.61 -19.41 -3.79
CA PHE D 237 -6.69 -19.47 -4.79
C PHE D 237 -7.48 -18.18 -4.77
N PRO D 238 -7.83 -17.67 -5.97
CA PRO D 238 -8.87 -16.67 -6.07
C PRO D 238 -10.21 -17.20 -5.54
N ASN D 239 -10.90 -16.36 -4.78
CA ASN D 239 -12.23 -16.69 -4.29
C ASN D 239 -13.22 -15.53 -4.53
N PRO D 240 -13.36 -15.11 -5.80
CA PRO D 240 -14.08 -13.88 -6.07
C PRO D 240 -15.55 -13.95 -5.71
N ASP D 241 -16.15 -15.13 -5.74
CA ASP D 241 -17.57 -15.30 -5.42
C ASP D 241 -17.84 -15.54 -3.91
N HIS D 242 -16.80 -15.39 -3.09
CA HIS D 242 -16.84 -15.69 -1.66
C HIS D 242 -17.52 -17.02 -1.29
N THR D 243 -17.42 -18.02 -2.15
CA THR D 243 -18.07 -19.30 -1.87
C THR D 243 -17.26 -20.21 -0.95
N MSE D 244 -15.94 -20.20 -1.10
CA MSE D 244 -15.03 -20.96 -0.23
C MSE D 244 -14.87 -20.28 1.11
O MSE D 244 -14.63 -19.07 1.17
CB MSE D 244 -13.65 -21.09 -0.84
CG MSE D 244 -13.50 -22.18 -1.86
SE MSE D 244 -13.57 -23.93 -1.03
CE MSE D 244 -14.67 -24.93 -2.38
N MSE D 245 -14.98 -21.07 2.18
CA MSE D 245 -14.85 -20.58 3.54
C MSE D 245 -13.59 -21.08 4.21
O MSE D 245 -13.23 -22.25 4.06
CB MSE D 245 -16.07 -21.03 4.37
CG MSE D 245 -17.41 -20.51 3.90
SE MSE D 245 -17.64 -18.60 4.23
CE MSE D 245 -17.04 -17.90 2.60
N PRO D 246 -12.87 -20.20 4.94
CA PRO D 246 -11.78 -20.67 5.79
C PRO D 246 -12.28 -21.67 6.85
N GLY D 247 -11.69 -22.85 6.85
CA GLY D 247 -12.02 -23.91 7.80
C GLY D 247 -12.39 -25.23 7.15
N MSE D 248 -12.70 -25.22 5.85
CA MSE D 248 -13.17 -26.40 5.14
C MSE D 248 -12.07 -27.40 4.82
O MSE D 248 -10.92 -27.03 4.58
CB MSE D 248 -13.90 -26.01 3.86
CG MSE D 248 -15.13 -25.15 4.07
SE MSE D 248 -15.78 -24.48 2.36
CE MSE D 248 -17.32 -25.76 2.13
N PHE D 249 -12.43 -28.68 4.79
CA PHE D 249 -11.51 -29.75 4.42
C PHE D 249 -11.65 -30.05 2.92
N VAL D 250 -10.54 -29.95 2.20
CA VAL D 250 -10.52 -30.14 0.75
C VAL D 250 -9.37 -31.01 0.25
N ARG D 251 -9.33 -31.22 -1.07
CA ARG D 251 -8.28 -32.01 -1.72
C ARG D 251 -7.69 -31.15 -2.83
N ALA D 252 -6.37 -31.05 -2.85
CA ALA D 252 -5.69 -30.22 -3.85
C ALA D 252 -4.95 -31.06 -4.87
N ARG D 253 -5.38 -30.98 -6.12
CA ARG D 253 -4.76 -31.76 -7.20
C ARG D 253 -3.89 -30.92 -8.12
N LEU D 254 -2.79 -31.53 -8.55
CA LEU D 254 -1.76 -30.89 -9.37
C LEU D 254 -1.95 -31.09 -10.87
#